data_6WMO
#
_entry.id   6WMO
#
_cell.length_a   48.190
_cell.length_b   109.280
_cell.length_c   147.550
_cell.angle_alpha   90.000
_cell.angle_beta   90.000
_cell.angle_gamma   90.000
#
_symmetry.space_group_name_H-M   'P 21 21 21'
#
loop_
_entity.id
_entity.type
_entity.pdbx_description
1 polymer 'N-acetyllactosaminide beta-1,3-N-acetylglucosaminyltransferase 2'
2 branched beta-D-galactopyranose-(1-4)-2-acetamido-2-deoxy-beta-D-glucopyranose-(1-3)-beta-D-galactopyranose
3 branched alpha-D-mannopyranose-(1-3)-beta-D-mannopyranose-(1-4)-2-acetamido-2-deoxy-beta-D-glucopyranose-(1-4)-2-acetamido-2-deoxy-beta-D-glucopyranose
4 non-polymer 'MAGNESIUM ION'
5 non-polymer "URIDINE-5'-DIPHOSPHATE"
6 non-polymer 2-acetamido-2-deoxy-beta-D-glucopyranose
7 non-polymer 1,2-ETHANEDIOL
8 non-polymer GLYCEROL
9 water water
#
_entity_poly.entity_id   1
_entity_poly.type   'polypeptide(L)'
_entity_poly.pdbx_seq_one_letter_code
;GKNGKGEVIIPKEKFWKISTPPEAYWNREQEKLNRQYNPILSMLTNQTGEAGRLSNISHLNYCEPDLRVTSVVTGFNNLP
DRFKDFLLYLRCRNYSLLIDQPDKCAKKPFLLLAIKSLTPHFARRQAIRESWGQESNAGNQTVVRVFLLGQTPPEDNHPD
LSDMLKFESEKHQDILMWNYRDTFFNLSLKEVLFLRWVSTSCPDTEFVFKGDDDVFVNTHHILNYLNSLSKTKAKDLFIG
DVIHNAGPHRDKKLKYYIPEVVYSGLYPPYAGGGGFLYSGHLALRLYHITDQVHLYPIDDVYTGMCLQKLGLVPEKHKGF
RTFDIEEKNKNNICSYVDLMLVHSRKPQEMIDIWSQLQSAHLKC
;
_entity_poly.pdbx_strand_id   A,B
#
loop_
_chem_comp.id
_chem_comp.type
_chem_comp.name
_chem_comp.formula
BMA D-saccharide, beta linking beta-D-mannopyranose 'C6 H12 O6'
EDO non-polymer 1,2-ETHANEDIOL 'C2 H6 O2'
GAL D-saccharide, beta linking beta-D-galactopyranose 'C6 H12 O6'
GOL non-polymer GLYCEROL 'C3 H8 O3'
MAN D-saccharide, alpha linking alpha-D-mannopyranose 'C6 H12 O6'
MG non-polymer 'MAGNESIUM ION' 'Mg 2'
NAG D-saccharide, beta linking 2-acetamido-2-deoxy-beta-D-glucopyranose 'C8 H15 N O6'
UDP RNA linking URIDINE-5'-DIPHOSPHATE 'C9 H14 N2 O12 P2'
#
# COMPACT_ATOMS: atom_id res chain seq x y z
N PRO A 21 44.27 11.32 11.15
CA PRO A 21 42.86 11.07 11.46
C PRO A 21 42.08 10.54 10.25
N PRO A 22 41.98 9.21 10.13
CA PRO A 22 41.42 8.63 8.89
C PRO A 22 39.95 8.97 8.72
N GLU A 23 39.61 9.40 7.51
CA GLU A 23 38.21 9.59 7.17
C GLU A 23 37.45 8.27 7.22
N ALA A 24 36.13 8.38 7.13
CA ALA A 24 35.24 7.26 6.99
C ALA A 24 35.42 6.62 5.61
N TYR A 25 34.91 5.40 5.47
CA TYR A 25 35.18 4.62 4.27
C TYR A 25 34.71 5.33 2.99
N TRP A 26 33.47 5.84 2.98
CA TRP A 26 32.98 6.45 1.75
C TRP A 26 33.86 7.63 1.34
N ASN A 27 34.22 8.48 2.31
CA ASN A 27 35.04 9.64 2.02
C ASN A 27 36.38 9.24 1.43
N ARG A 28 36.99 8.18 1.98
CA ARG A 28 38.30 7.75 1.51
C ARG A 28 38.23 7.21 0.09
N GLU A 29 37.19 6.43 -0.21
CA GLU A 29 37.02 5.93 -1.58
C GLU A 29 36.71 7.08 -2.53
N GLN A 30 35.94 8.08 -2.06
CA GLN A 30 35.67 9.24 -2.90
C GLN A 30 36.94 10.06 -3.14
N GLU A 31 37.82 10.16 -2.14
CA GLU A 31 39.09 10.84 -2.34
C GLU A 31 39.93 10.15 -3.40
N LYS A 32 40.00 8.82 -3.35
CA LYS A 32 40.68 8.04 -4.37
C LYS A 32 40.11 8.32 -5.75
N LEU A 33 38.78 8.38 -5.88
CA LEU A 33 38.15 8.71 -7.15
C LEU A 33 38.52 10.11 -7.61
N ASN A 34 38.45 11.08 -6.69
CA ASN A 34 38.76 12.45 -7.06
C ASN A 34 40.17 12.56 -7.62
N ARG A 35 41.14 11.93 -6.95
CA ARG A 35 42.51 11.97 -7.43
C ARG A 35 42.66 11.23 -8.76
N GLN A 36 41.83 10.23 -9.01
CA GLN A 36 41.95 9.52 -10.28
C GLN A 36 41.43 10.37 -11.43
N TYR A 37 40.44 11.22 -11.19
CA TYR A 37 39.94 12.12 -12.22
C TYR A 37 40.61 13.49 -12.18
N ASN A 38 41.36 13.81 -11.12
CA ASN A 38 42.05 15.10 -11.06
C ASN A 38 43.52 14.90 -10.68
N SER A 58 38.49 -1.35 -10.88
CA SER A 58 37.35 -0.59 -11.39
C SER A 58 36.30 -0.31 -10.31
N HIS A 59 35.74 0.90 -10.35
CA HIS A 59 34.66 1.28 -9.43
C HIS A 59 33.29 1.28 -10.11
N LEU A 60 33.19 0.77 -11.32
CA LEU A 60 31.98 0.87 -12.12
C LEU A 60 31.41 -0.47 -12.55
N ASN A 61 32.25 -1.44 -12.90
CA ASN A 61 31.74 -2.72 -13.38
C ASN A 61 32.37 -3.90 -12.65
N TYR A 62 32.83 -3.69 -11.41
CA TYR A 62 33.31 -4.78 -10.57
C TYR A 62 32.13 -5.29 -9.74
N CYS A 63 31.60 -6.45 -10.11
CA CYS A 63 30.37 -6.95 -9.54
C CYS A 63 30.57 -8.22 -8.72
N GLU A 64 31.82 -8.66 -8.55
CA GLU A 64 32.14 -9.62 -7.52
C GLU A 64 32.09 -8.91 -6.17
N PRO A 65 31.87 -9.64 -5.08
CA PRO A 65 31.92 -9.01 -3.75
C PRO A 65 33.31 -8.45 -3.48
N ASP A 66 33.36 -7.19 -3.04
CA ASP A 66 34.63 -6.51 -2.75
C ASP A 66 35.01 -6.85 -1.31
N LEU A 67 35.66 -8.01 -1.15
CA LEU A 67 35.93 -8.53 0.18
C LEU A 67 36.88 -7.62 0.97
N ARG A 68 37.57 -6.70 0.29
CA ARG A 68 38.42 -5.73 0.96
C ARG A 68 37.68 -4.98 2.07
N VAL A 69 36.38 -4.72 1.90
CA VAL A 69 35.64 -3.92 2.87
C VAL A 69 35.61 -4.59 4.24
N THR A 70 35.72 -5.93 4.29
CA THR A 70 35.67 -6.57 5.60
C THR A 70 36.90 -6.23 6.43
N SER A 71 38.00 -5.80 5.80
CA SER A 71 39.20 -5.42 6.52
C SER A 71 39.37 -3.91 6.70
N VAL A 72 38.85 -3.11 5.75
CA VAL A 72 39.14 -1.68 5.78
C VAL A 72 37.99 -0.85 6.36
N VAL A 73 36.79 -1.39 6.43
CA VAL A 73 35.68 -0.67 7.03
C VAL A 73 35.66 -1.02 8.51
N THR A 74 35.86 -0.01 9.36
CA THR A 74 35.92 -0.25 10.80
C THR A 74 34.60 -0.82 11.30
N GLY A 75 34.67 -1.96 12.00
CA GLY A 75 33.46 -2.58 12.53
C GLY A 75 32.53 -3.16 11.49
N PHE A 76 33.06 -3.55 10.32
CA PHE A 76 32.22 -4.06 9.25
C PHE A 76 31.30 -5.18 9.72
N ASN A 77 31.84 -6.14 10.48
CA ASN A 77 31.07 -7.31 10.88
C ASN A 77 29.85 -6.95 11.69
N ASN A 78 29.89 -5.82 12.41
CA ASN A 78 28.81 -5.42 13.29
C ASN A 78 27.86 -4.40 12.66
N LEU A 79 28.00 -4.13 11.35
CA LEU A 79 27.06 -3.27 10.62
C LEU A 79 25.79 -4.04 10.24
N PRO A 80 24.66 -3.34 10.15
CA PRO A 80 23.45 -3.95 9.58
C PRO A 80 23.67 -4.46 8.17
N ASP A 81 22.90 -5.49 7.80
CA ASP A 81 23.09 -6.16 6.53
C ASP A 81 23.00 -5.20 5.35
N ARG A 82 22.12 -4.19 5.43
CA ARG A 82 21.99 -3.27 4.31
C ARG A 82 23.28 -2.50 4.08
N PHE A 83 24.06 -2.25 5.14
CA PHE A 83 25.35 -1.60 4.92
C PHE A 83 26.38 -2.58 4.37
N LYS A 84 26.35 -3.83 4.84
CA LYS A 84 27.24 -4.84 4.27
C LYS A 84 27.03 -4.96 2.77
N ASP A 85 25.77 -5.12 2.34
CA ASP A 85 25.49 -5.27 0.91
C ASP A 85 25.91 -4.02 0.14
N PHE A 86 25.61 -2.84 0.67
CA PHE A 86 25.97 -1.61 -0.01
C PHE A 86 27.48 -1.51 -0.20
N LEU A 87 28.24 -1.91 0.82
CA LEU A 87 29.69 -1.80 0.71
C LEU A 87 30.28 -2.90 -0.16
N LEU A 88 29.77 -4.13 -0.04
CA LEU A 88 30.34 -5.24 -0.81
C LEU A 88 30.17 -5.04 -2.32
N TYR A 89 29.08 -4.39 -2.75
CA TYR A 89 28.73 -4.27 -4.16
C TYR A 89 28.75 -2.81 -4.64
N LEU A 90 29.47 -1.95 -3.93
CA LEU A 90 29.53 -0.52 -4.25
C LEU A 90 30.05 -0.25 -5.66
N ARG A 91 30.95 -1.08 -6.17
CA ARG A 91 31.64 -0.80 -7.43
C ARG A 91 30.93 -1.40 -8.63
N CYS A 92 29.66 -1.76 -8.52
CA CYS A 92 28.90 -2.38 -9.60
C CYS A 92 27.68 -1.51 -9.92
N ARG A 93 27.63 -0.99 -11.16
CA ARG A 93 26.43 -0.26 -11.57
C ARG A 93 26.08 -0.51 -13.04
N ASN A 94 26.65 -1.53 -13.68
CA ASN A 94 26.29 -1.86 -15.07
C ASN A 94 25.21 -2.93 -15.08
N TYR A 95 24.02 -2.52 -14.66
CA TYR A 95 22.83 -3.37 -14.72
C TYR A 95 22.06 -3.04 -15.99
N SER A 96 21.30 -4.01 -16.47
CA SER A 96 20.65 -3.87 -17.77
C SER A 96 19.16 -3.67 -17.60
N LEU A 97 18.53 -3.09 -18.62
CA LEU A 97 17.07 -2.94 -18.62
C LEU A 97 16.43 -4.27 -18.95
N LEU A 98 15.53 -4.73 -18.06
CA LEU A 98 14.69 -5.87 -18.40
C LEU A 98 13.43 -5.42 -19.14
N ILE A 99 12.88 -4.25 -18.79
CA ILE A 99 11.73 -3.68 -19.46
C ILE A 99 12.08 -2.25 -19.87
N ASP A 100 12.05 -1.99 -21.17
CA ASP A 100 12.36 -0.67 -21.73
C ASP A 100 11.09 -0.12 -22.40
N GLN A 101 11.07 1.19 -22.60
CA GLN A 101 10.07 1.84 -23.43
C GLN A 101 10.85 2.70 -24.42
N PRO A 102 11.43 2.09 -25.46
CA PRO A 102 12.41 2.81 -26.29
C PRO A 102 11.85 3.99 -27.09
N ASP A 103 10.55 4.02 -27.36
CA ASP A 103 9.95 5.10 -28.12
C ASP A 103 9.25 6.11 -27.24
N LYS A 104 9.48 6.06 -25.93
CA LYS A 104 8.85 6.99 -25.00
C LYS A 104 9.07 8.45 -25.41
N CYS A 105 10.26 8.77 -25.90
CA CYS A 105 10.58 10.15 -26.25
C CYS A 105 10.72 10.36 -27.76
N ALA A 106 10.04 9.52 -28.56
CA ALA A 106 10.09 9.69 -30.01
C ALA A 106 9.61 11.07 -30.43
N LYS A 107 8.64 11.62 -29.71
CA LYS A 107 8.30 13.03 -29.80
C LYS A 107 9.00 13.74 -28.66
N LYS A 108 9.82 14.74 -29.00
CA LYS A 108 10.65 15.41 -27.99
C LYS A 108 9.78 15.94 -26.87
N PRO A 109 9.98 15.51 -25.63
CA PRO A 109 9.13 16.01 -24.55
C PRO A 109 9.51 17.42 -24.14
N PHE A 110 8.51 18.15 -23.66
CA PHE A 110 8.77 19.34 -22.87
C PHE A 110 9.12 18.95 -21.43
N LEU A 111 8.41 17.96 -20.89
CA LEU A 111 8.59 17.56 -19.50
C LEU A 111 8.50 16.05 -19.40
N LEU A 112 9.53 15.44 -18.82
CA LEU A 112 9.54 14.01 -18.56
C LEU A 112 9.27 13.79 -17.08
N LEU A 113 8.19 13.08 -16.76
CA LEU A 113 7.90 12.71 -15.37
C LEU A 113 8.51 11.34 -15.09
N ALA A 114 9.38 11.27 -14.09
CA ALA A 114 10.07 10.02 -13.80
C ALA A 114 9.83 9.71 -12.33
N ILE A 115 9.14 8.60 -12.05
CA ILE A 115 8.59 8.34 -10.73
CA ILE A 115 8.60 8.35 -10.72
C ILE A 115 9.19 7.05 -10.18
N LYS A 116 9.85 7.15 -9.02
CA LYS A 116 10.40 6.00 -8.34
C LYS A 116 9.25 5.14 -7.80
N SER A 117 9.28 3.84 -8.07
N SER A 117 9.27 3.84 -8.11
CA SER A 117 8.19 2.97 -7.64
CA SER A 117 8.20 2.96 -7.64
C SER A 117 8.65 1.52 -7.57
C SER A 117 8.78 1.57 -7.38
N LEU A 118 7.99 0.76 -6.70
CA LEU A 118 8.30 -0.63 -6.41
C LEU A 118 7.21 -1.53 -7.01
N THR A 119 7.60 -2.73 -7.45
CA THR A 119 6.63 -3.65 -8.07
C THR A 119 5.25 -3.66 -7.40
N PRO A 120 5.10 -3.87 -6.09
CA PRO A 120 3.74 -4.02 -5.52
C PRO A 120 2.87 -2.78 -5.61
N HIS A 121 3.41 -1.61 -5.97
CA HIS A 121 2.68 -0.35 -5.91
C HIS A 121 1.76 -0.09 -7.11
N PHE A 122 0.87 -1.06 -7.42
CA PHE A 122 0.01 -0.93 -8.60
C PHE A 122 -0.96 0.24 -8.46
N ALA A 123 -1.60 0.36 -7.29
CA ALA A 123 -2.59 1.42 -7.09
C ALA A 123 -1.94 2.80 -7.10
N ARG A 124 -0.74 2.94 -6.52
CA ARG A 124 -0.05 4.22 -6.59
C ARG A 124 0.19 4.62 -8.04
N ARG A 125 0.65 3.67 -8.86
CA ARG A 125 1.00 4.03 -10.24
C ARG A 125 -0.25 4.38 -11.04
N GLN A 126 -1.34 3.62 -10.86
CA GLN A 126 -2.55 3.90 -11.62
C GLN A 126 -3.15 5.24 -11.21
N ALA A 127 -3.09 5.57 -9.92
CA ALA A 127 -3.63 6.85 -9.49
C ALA A 127 -2.85 8.01 -10.10
N ILE A 128 -1.53 7.86 -10.20
CA ILE A 128 -0.71 8.87 -10.86
C ILE A 128 -1.08 9.00 -12.34
N ARG A 129 -1.28 7.86 -13.02
CA ARG A 129 -1.68 7.88 -14.44
C ARG A 129 -2.94 8.69 -14.66
N GLU A 130 -3.87 8.60 -13.73
CA GLU A 130 -5.18 9.21 -13.89
C GLU A 130 -5.24 10.62 -13.35
N SER A 131 -4.20 11.08 -12.63
CA SER A 131 -4.31 12.39 -11.99
C SER A 131 -3.17 13.25 -12.51
N TRP A 132 -2.13 13.49 -11.72
CA TRP A 132 -1.15 14.49 -12.10
C TRP A 132 -0.10 13.97 -13.08
N GLY A 133 -0.02 12.66 -13.30
CA GLY A 133 0.97 12.08 -14.19
C GLY A 133 0.45 11.71 -15.57
N GLN A 134 -0.72 12.24 -15.94
CA GLN A 134 -1.26 12.02 -17.27
C GLN A 134 -0.29 12.52 -18.34
N GLU A 135 -0.12 11.75 -19.40
CA GLU A 135 0.60 12.25 -20.55
C GLU A 135 -0.27 13.20 -21.34
N SER A 136 0.36 14.20 -21.96
CA SER A 136 -0.44 15.23 -22.61
C SER A 136 0.40 15.94 -23.66
N ASN A 137 -0.28 16.75 -24.46
CA ASN A 137 0.33 17.47 -25.57
C ASN A 137 -0.16 18.90 -25.65
N ALA A 138 -0.71 19.43 -24.55
CA ALA A 138 -1.28 20.77 -24.57
C ALA A 138 -0.23 21.81 -24.95
N GLY A 139 -0.58 22.67 -25.90
CA GLY A 139 0.37 23.65 -26.41
C GLY A 139 1.55 23.06 -27.16
N ASN A 140 1.42 21.82 -27.67
CA ASN A 140 2.55 21.07 -28.24
C ASN A 140 3.73 21.01 -27.27
N GLN A 141 3.45 21.08 -25.98
CA GLN A 141 4.44 20.85 -24.93
C GLN A 141 4.14 19.46 -24.38
N THR A 142 4.84 18.47 -24.93
CA THR A 142 4.54 17.07 -24.63
C THR A 142 4.99 16.72 -23.23
N VAL A 143 4.13 16.04 -22.48
CA VAL A 143 4.44 15.50 -21.15
C VAL A 143 4.39 13.98 -21.27
N VAL A 144 5.48 13.30 -20.89
CA VAL A 144 5.52 11.84 -20.93
C VAL A 144 5.98 11.35 -19.57
N ARG A 145 5.67 10.07 -19.30
CA ARG A 145 5.74 9.49 -17.96
C ARG A 145 6.46 8.15 -18.01
N VAL A 146 7.40 7.92 -17.07
CA VAL A 146 7.96 6.60 -16.83
C VAL A 146 7.99 6.34 -15.33
N PHE A 147 7.75 5.07 -14.95
CA PHE A 147 7.98 4.62 -13.58
C PHE A 147 9.29 3.85 -13.52
N LEU A 148 10.06 4.03 -12.43
CA LEU A 148 11.43 3.53 -12.33
C LEU A 148 11.48 2.39 -11.32
N LEU A 149 11.74 1.18 -11.79
CA LEU A 149 11.65 -0.01 -10.96
C LEU A 149 12.91 -0.85 -11.08
N GLY A 150 13.25 -1.52 -9.98
CA GLY A 150 14.17 -2.64 -10.00
C GLY A 150 13.41 -3.93 -9.75
N GLN A 151 14.17 -4.98 -9.44
CA GLN A 151 13.56 -6.26 -9.13
C GLN A 151 13.16 -6.33 -7.66
N THR A 152 12.09 -7.08 -7.36
CA THR A 152 11.68 -7.36 -5.99
C THR A 152 11.74 -8.88 -5.83
N PRO A 153 12.90 -9.43 -5.50
CA PRO A 153 13.09 -10.88 -5.65
C PRO A 153 12.50 -11.66 -4.48
N PRO A 154 12.22 -12.95 -4.68
CA PRO A 154 11.66 -13.76 -3.57
C PRO A 154 12.60 -13.91 -2.39
N GLU A 155 13.92 -13.83 -2.59
CA GLU A 155 14.87 -13.93 -1.49
C GLU A 155 14.76 -12.76 -0.51
N ASP A 156 14.16 -11.65 -0.94
CA ASP A 156 13.85 -10.54 -0.06
C ASP A 156 12.43 -10.63 0.49
N ASN A 157 11.81 -11.79 0.36
CA ASN A 157 10.49 -12.14 0.89
C ASN A 157 9.35 -11.41 0.20
N HIS A 158 9.58 -10.94 -1.05
CA HIS A 158 8.53 -10.29 -1.82
C HIS A 158 7.60 -11.34 -2.42
N PRO A 159 6.27 -11.15 -2.35
CA PRO A 159 5.37 -12.00 -3.14
C PRO A 159 5.68 -11.84 -4.61
N ASP A 160 5.45 -12.90 -5.37
CA ASP A 160 5.73 -12.89 -6.81
C ASP A 160 4.60 -12.16 -7.53
N LEU A 161 4.86 -10.93 -7.95
CA LEU A 161 3.92 -10.15 -8.75
C LEU A 161 4.43 -9.90 -10.16
N SER A 162 5.35 -10.74 -10.65
CA SER A 162 6.04 -10.40 -11.89
C SER A 162 5.12 -10.51 -13.11
N ASP A 163 4.21 -11.48 -13.13
CA ASP A 163 3.33 -11.60 -14.30
C ASP A 163 2.38 -10.42 -14.39
N MET A 164 1.87 -9.95 -13.26
CA MET A 164 1.01 -8.77 -13.28
C MET A 164 1.76 -7.51 -13.70
N LEU A 165 3.02 -7.37 -13.27
CA LEU A 165 3.77 -6.19 -13.68
C LEU A 165 3.99 -6.20 -15.19
N LYS A 166 4.27 -7.38 -15.74
CA LYS A 166 4.44 -7.50 -17.18
C LYS A 166 3.15 -7.15 -17.92
N PHE A 167 2.01 -7.58 -17.38
CA PHE A 167 0.71 -7.19 -17.94
C PHE A 167 0.52 -5.67 -17.86
N GLU A 168 0.85 -5.07 -16.71
CA GLU A 168 0.73 -3.63 -16.55
C GLU A 168 1.60 -2.88 -17.56
N SER A 169 2.84 -3.34 -17.75
CA SER A 169 3.72 -2.73 -18.73
C SER A 169 3.15 -2.83 -20.14
N GLU A 170 2.57 -3.97 -20.48
CA GLU A 170 1.98 -4.13 -21.81
C GLU A 170 0.78 -3.19 -21.99
N LYS A 171 -0.01 -2.98 -20.95
CA LYS A 171 -1.17 -2.11 -21.05
C LYS A 171 -0.80 -0.62 -21.09
N HIS A 172 0.13 -0.20 -20.23
CA HIS A 172 0.36 1.22 -20.03
C HIS A 172 1.65 1.77 -20.61
N GLN A 173 2.60 0.89 -20.95
CA GLN A 173 3.79 1.28 -21.72
C GLN A 173 4.59 2.40 -21.04
N ASP A 174 4.70 2.32 -19.72
CA ASP A 174 5.39 3.36 -18.97
C ASP A 174 6.24 2.79 -17.83
N ILE A 175 6.60 1.50 -17.89
CA ILE A 175 7.43 0.85 -16.89
C ILE A 175 8.85 0.74 -17.43
N LEU A 176 9.83 1.29 -16.71
CA LEU A 176 11.23 0.97 -16.95
C LEU A 176 11.72 0.11 -15.80
N MET A 177 12.29 -1.05 -16.11
CA MET A 177 12.72 -1.95 -15.06
C MET A 177 14.10 -2.51 -15.36
N TRP A 178 14.98 -2.43 -14.37
CA TRP A 178 16.37 -2.86 -14.43
C TRP A 178 16.56 -4.08 -13.55
N ASN A 179 17.65 -4.82 -13.81
CA ASN A 179 17.91 -6.10 -13.15
CA ASN A 179 17.91 -6.10 -13.15
C ASN A 179 18.83 -5.93 -11.95
N TYR A 180 18.43 -5.07 -11.02
CA TYR A 180 19.11 -4.96 -9.74
C TYR A 180 18.07 -5.07 -8.64
N ARG A 181 18.53 -5.41 -7.44
CA ARG A 181 17.67 -5.58 -6.26
C ARG A 181 17.15 -4.23 -5.80
N ASP A 182 15.85 -4.02 -5.91
CA ASP A 182 15.25 -2.71 -5.59
C ASP A 182 15.12 -2.57 -4.07
N THR A 183 15.97 -1.74 -3.48
CA THR A 183 16.01 -1.53 -2.04
C THR A 183 16.18 -0.05 -1.76
N PHE A 184 15.98 0.33 -0.50
CA PHE A 184 16.17 1.73 -0.10
C PHE A 184 17.60 2.20 -0.37
N PHE A 185 18.58 1.39 0.02
CA PHE A 185 19.97 1.77 -0.19
C PHE A 185 20.44 1.63 -1.64
N ASN A 186 19.63 1.06 -2.51
CA ASN A 186 19.95 1.04 -3.94
C ASN A 186 19.23 2.12 -4.73
N LEU A 187 18.57 3.07 -4.06
CA LEU A 187 17.93 4.14 -4.82
C LEU A 187 18.94 5.03 -5.54
N SER A 188 20.18 5.15 -5.05
CA SER A 188 21.12 5.96 -5.83
C SER A 188 21.49 5.23 -7.10
N LEU A 189 21.51 3.91 -7.07
CA LEU A 189 21.57 3.12 -8.29
C LEU A 189 20.38 3.39 -9.21
N LYS A 190 19.17 3.50 -8.63
CA LYS A 190 18.01 3.80 -9.48
C LYS A 190 18.19 5.16 -10.15
N GLU A 191 18.77 6.12 -9.42
CA GLU A 191 19.05 7.44 -9.98
C GLU A 191 20.05 7.35 -11.13
N VAL A 192 21.17 6.66 -10.93
CA VAL A 192 22.20 6.64 -11.97
C VAL A 192 21.69 5.93 -13.22
N LEU A 193 20.98 4.81 -13.05
CA LEU A 193 20.49 4.08 -14.21
C LEU A 193 19.41 4.86 -14.96
N PHE A 194 18.58 5.61 -14.23
CA PHE A 194 17.62 6.50 -14.89
C PHE A 194 18.34 7.58 -15.71
N LEU A 195 19.38 8.22 -15.13
CA LEU A 195 20.10 9.25 -15.87
C LEU A 195 20.75 8.67 -17.12
N ARG A 196 21.25 7.43 -17.03
CA ARG A 196 21.80 6.77 -18.20
C ARG A 196 20.74 6.60 -19.28
N TRP A 197 19.54 6.20 -18.88
CA TRP A 197 18.44 6.02 -19.82
C TRP A 197 18.06 7.35 -20.46
N VAL A 198 18.08 8.45 -19.70
CA VAL A 198 17.86 9.77 -20.30
C VAL A 198 18.92 10.08 -21.35
N SER A 199 20.19 9.83 -21.03
CA SER A 199 21.27 10.10 -21.99
C SER A 199 21.13 9.23 -23.23
N THR A 200 20.68 7.98 -23.06
CA THR A 200 20.61 7.05 -24.18
C THR A 200 19.32 7.22 -24.97
N SER A 201 18.21 7.50 -24.29
CA SER A 201 16.89 7.35 -24.86
C SER A 201 15.98 8.58 -24.74
N CYS A 202 16.32 9.57 -23.94
CA CYS A 202 15.47 10.76 -23.91
C CYS A 202 16.31 12.03 -23.76
N PRO A 203 17.40 12.18 -24.53
CA PRO A 203 18.35 13.26 -24.23
C PRO A 203 17.86 14.65 -24.57
N ASP A 204 16.76 14.78 -25.31
CA ASP A 204 16.29 16.07 -25.78
C ASP A 204 15.10 16.58 -24.99
N THR A 205 14.70 15.90 -23.91
CA THR A 205 13.62 16.44 -23.08
C THR A 205 14.04 17.78 -22.51
N GLU A 206 13.12 18.74 -22.52
CA GLU A 206 13.49 20.09 -22.09
C GLU A 206 13.66 20.14 -20.57
N PHE A 207 12.79 19.45 -19.84
CA PHE A 207 12.81 19.43 -18.38
C PHE A 207 12.52 18.02 -17.88
N VAL A 208 12.93 17.78 -16.63
CA VAL A 208 12.69 16.51 -15.95
C VAL A 208 12.11 16.80 -14.57
N PHE A 209 11.06 16.09 -14.21
CA PHE A 209 10.62 15.99 -12.82
C PHE A 209 10.89 14.57 -12.36
N LYS A 210 11.65 14.41 -11.29
CA LYS A 210 11.84 13.09 -10.69
C LYS A 210 11.27 13.12 -9.29
N GLY A 211 10.44 12.13 -8.97
CA GLY A 211 9.75 12.18 -7.70
C GLY A 211 9.28 10.80 -7.28
N ASP A 212 8.59 10.78 -6.15
CA ASP A 212 8.13 9.54 -5.50
C ASP A 212 6.70 9.25 -5.89
N ASP A 213 6.30 7.98 -5.68
CA ASP A 213 4.96 7.56 -6.07
C ASP A 213 3.91 7.76 -4.99
N ASP A 214 4.26 8.49 -3.91
CA ASP A 214 3.33 8.82 -2.84
C ASP A 214 3.28 10.33 -2.62
N VAL A 215 3.53 11.11 -3.66
CA VAL A 215 3.44 12.57 -3.57
C VAL A 215 2.33 13.04 -4.51
N PHE A 216 1.65 14.09 -4.10
CA PHE A 216 0.79 14.81 -5.01
C PHE A 216 1.63 15.88 -5.70
N VAL A 217 1.50 16.01 -7.02
CA VAL A 217 2.23 17.02 -7.79
C VAL A 217 1.24 17.91 -8.51
N ASN A 218 1.40 19.24 -8.40
CA ASN A 218 0.54 20.14 -9.16
C ASN A 218 1.24 20.35 -10.49
N THR A 219 0.98 19.46 -11.43
CA THR A 219 1.70 19.48 -12.72
C THR A 219 1.38 20.73 -13.54
N HIS A 220 0.16 21.25 -13.44
CA HIS A 220 -0.15 22.50 -14.13
C HIS A 220 0.69 23.64 -13.57
N HIS A 221 0.85 23.71 -12.25
CA HIS A 221 1.69 24.76 -11.70
C HIS A 221 3.14 24.58 -12.15
N ILE A 222 3.58 23.33 -12.24
CA ILE A 222 4.94 23.06 -12.71
C ILE A 222 5.12 23.57 -14.13
N LEU A 223 4.18 23.25 -15.02
CA LEU A 223 4.30 23.70 -16.41
C LEU A 223 4.26 25.21 -16.51
N ASN A 224 3.38 25.87 -15.74
CA ASN A 224 3.35 27.33 -15.73
C ASN A 224 4.69 27.89 -15.26
N TYR A 225 5.28 27.30 -14.22
CA TYR A 225 6.58 27.76 -13.73
C TYR A 225 7.65 27.60 -14.80
N LEU A 226 7.71 26.42 -15.43
CA LEU A 226 8.70 26.17 -16.47
C LEU A 226 8.55 27.14 -17.63
N ASN A 227 7.32 27.49 -17.98
CA ASN A 227 7.12 28.44 -19.06
C ASN A 227 7.44 29.88 -18.68
N SER A 228 7.65 30.19 -17.39
CA SER A 228 8.02 31.55 -17.06
CA SER A 228 8.02 31.49 -16.85
C SER A 228 9.51 31.74 -16.87
N LEU A 229 10.32 30.72 -17.13
CA LEU A 229 11.76 30.83 -16.98
C LEU A 229 12.38 31.57 -18.16
N SER A 230 13.35 32.41 -17.85
CA SER A 230 14.26 32.93 -18.88
C SER A 230 15.07 31.79 -19.47
N LYS A 231 15.64 32.02 -20.65
CA LYS A 231 16.47 30.98 -21.26
C LYS A 231 17.67 30.67 -20.36
N THR A 232 18.18 31.68 -19.65
CA THR A 232 19.34 31.50 -18.79
C THR A 232 19.01 30.69 -17.53
N LYS A 233 17.95 31.08 -16.82
CA LYS A 233 17.57 30.30 -15.64
C LYS A 233 17.23 28.86 -15.99
N ALA A 234 16.68 28.63 -17.19
CA ALA A 234 16.20 27.31 -17.53
C ALA A 234 17.34 26.36 -17.89
N LYS A 235 18.47 26.90 -18.34
CA LYS A 235 19.57 26.05 -18.79
C LYS A 235 20.10 25.17 -17.68
N ASP A 236 20.20 25.71 -16.46
CA ASP A 236 20.73 24.94 -15.35
C ASP A 236 19.74 24.89 -14.19
N LEU A 237 18.45 24.84 -14.51
CA LEU A 237 17.42 24.74 -13.49
C LEU A 237 17.61 23.51 -12.61
N PHE A 238 17.61 23.70 -11.29
CA PHE A 238 17.45 22.57 -10.38
C PHE A 238 16.81 23.13 -9.11
N ILE A 239 15.53 22.80 -8.88
CA ILE A 239 14.81 23.36 -7.75
C ILE A 239 14.08 22.26 -6.99
N GLY A 240 13.83 22.54 -5.72
CA GLY A 240 13.08 21.63 -4.88
C GLY A 240 13.05 22.15 -3.45
N ASP A 241 12.82 21.21 -2.53
CA ASP A 241 12.82 21.50 -1.10
C ASP A 241 14.24 21.30 -0.61
N VAL A 242 15.07 22.33 -0.80
CA VAL A 242 16.51 22.20 -0.61
C VAL A 242 16.86 22.39 0.86
N ILE A 243 17.64 21.44 1.37
CA ILE A 243 18.07 21.41 2.76
C ILE A 243 19.53 21.84 2.78
N HIS A 244 19.83 22.88 3.55
CA HIS A 244 21.18 23.36 3.73
C HIS A 244 21.71 22.96 5.11
N ASN A 245 23.04 22.79 5.19
CA ASN A 245 23.73 22.53 6.44
C ASN A 245 23.23 21.26 7.13
N ALA A 246 22.84 20.26 6.35
CA ALA A 246 22.43 18.98 6.91
C ALA A 246 23.64 18.06 7.05
N GLY A 247 23.50 17.08 7.94
CA GLY A 247 24.48 16.05 8.15
C GLY A 247 23.81 14.70 8.28
N PRO A 248 24.60 13.63 8.31
CA PRO A 248 24.01 12.30 8.40
C PRO A 248 23.35 12.07 9.75
N HIS A 249 22.22 11.35 9.73
CA HIS A 249 21.58 10.93 10.97
C HIS A 249 22.42 9.85 11.64
N ARG A 250 22.74 10.06 12.92
CA ARG A 250 23.52 9.08 13.67
C ARG A 250 22.67 8.22 14.59
N ASP A 251 21.35 8.39 14.59
CA ASP A 251 20.46 7.63 15.47
C ASP A 251 20.12 6.31 14.79
N LYS A 252 20.50 5.20 15.43
CA LYS A 252 20.36 3.89 14.80
C LYS A 252 18.90 3.49 14.55
N LYS A 253 17.94 4.22 15.13
CA LYS A 253 16.54 3.88 14.97
C LYS A 253 15.88 4.53 13.75
N LEU A 254 16.55 5.47 13.09
CA LEU A 254 15.99 6.14 11.91
C LEU A 254 16.40 5.41 10.63
N LYS A 255 15.49 5.43 9.65
CA LYS A 255 15.77 4.74 8.39
C LYS A 255 16.90 5.38 7.62
N TYR A 256 17.20 6.64 7.89
CA TYR A 256 18.30 7.36 7.25
C TYR A 256 19.60 7.27 8.05
N TYR A 257 19.67 6.41 9.05
CA TYR A 257 20.87 6.26 9.86
C TYR A 257 22.08 5.91 9.00
N ILE A 258 23.19 6.61 9.25
CA ILE A 258 24.46 6.34 8.58
C ILE A 258 25.56 6.29 9.63
N PRO A 259 26.29 5.19 9.77
CA PRO A 259 27.33 5.11 10.79
C PRO A 259 28.49 6.03 10.49
N GLU A 260 29.14 6.50 11.57
CA GLU A 260 30.29 7.36 11.43
C GLU A 260 31.42 6.67 10.66
N VAL A 261 31.52 5.35 10.77
CA VAL A 261 32.55 4.61 10.04
C VAL A 261 32.27 4.52 8.56
N VAL A 262 31.06 4.86 8.13
CA VAL A 262 30.68 4.83 6.73
C VAL A 262 30.84 6.19 6.05
N TYR A 263 30.35 7.26 6.68
CA TYR A 263 30.44 8.60 6.11
C TYR A 263 30.69 9.61 7.22
N SER A 264 31.68 10.47 7.00
CA SER A 264 32.05 11.53 7.92
C SER A 264 31.80 12.89 7.28
N GLY A 265 31.63 13.89 8.12
CA GLY A 265 31.40 15.23 7.63
C GLY A 265 29.93 15.50 7.39
N LEU A 266 29.69 16.54 6.59
CA LEU A 266 28.35 17.05 6.37
C LEU A 266 27.89 16.73 4.95
N TYR A 267 26.61 16.93 4.72
CA TYR A 267 26.00 16.78 3.41
C TYR A 267 26.02 18.09 2.66
N PRO A 268 26.17 18.03 1.34
CA PRO A 268 26.01 19.23 0.51
C PRO A 268 24.56 19.66 0.50
N PRO A 269 24.26 20.88 0.03
CA PRO A 269 22.85 21.24 -0.17
C PRO A 269 22.21 20.25 -1.12
N TYR A 270 20.98 19.81 -0.81
CA TYR A 270 20.33 18.86 -1.68
C TYR A 270 18.81 19.02 -1.56
N ALA A 271 18.12 18.79 -2.68
CA ALA A 271 16.67 18.76 -2.69
C ALA A 271 16.19 17.39 -2.24
N GLY A 272 15.21 17.40 -1.33
N GLY A 272 15.33 17.34 -1.22
CA GLY A 272 14.60 16.15 -0.89
CA GLY A 272 14.96 16.09 -0.61
C GLY A 272 13.98 15.40 -2.04
C GLY A 272 13.45 15.94 -0.50
N GLY A 273 14.14 14.08 -2.02
N GLY A 273 13.03 14.73 -0.15
CA GLY A 273 13.83 13.23 -3.15
CA GLY A 273 11.72 14.47 0.39
C GLY A 273 12.36 13.07 -3.45
C GLY A 273 10.59 14.22 -0.58
N GLY A 274 11.47 13.47 -2.54
N GLY A 274 10.87 14.00 -1.86
CA GLY A 274 10.05 13.36 -2.82
CA GLY A 274 9.78 13.52 -2.72
C GLY A 274 9.70 13.94 -4.18
C GLY A 274 9.72 13.92 -4.18
N GLY A 275 10.44 14.96 -4.59
CA GLY A 275 10.39 15.39 -5.97
C GLY A 275 11.18 16.64 -6.21
N PHE A 276 11.94 16.68 -7.31
CA PHE A 276 12.63 17.90 -7.69
C PHE A 276 12.54 18.06 -9.20
N LEU A 277 12.92 19.25 -9.68
CA LEU A 277 12.62 19.69 -11.03
C LEU A 277 13.88 20.31 -11.64
N TYR A 278 14.25 19.85 -12.83
CA TYR A 278 15.51 20.31 -13.39
C TYR A 278 15.48 20.22 -14.92
N SER A 279 16.47 20.84 -15.55
CA SER A 279 16.51 20.86 -17.02
C SER A 279 17.06 19.55 -17.57
N GLY A 280 16.65 19.20 -18.78
CA GLY A 280 17.24 18.03 -19.43
C GLY A 280 18.71 18.26 -19.74
N HIS A 281 19.08 19.49 -20.02
CA HIS A 281 20.50 19.82 -20.19
C HIS A 281 21.30 19.43 -18.96
N LEU A 282 20.82 19.84 -17.77
CA LEU A 282 21.46 19.45 -16.54
C LEU A 282 21.36 17.94 -16.29
N ALA A 283 20.29 17.28 -16.78
CA ALA A 283 20.21 15.83 -16.62
C ALA A 283 21.39 15.16 -17.32
N LEU A 284 21.75 15.66 -18.51
CA LEU A 284 22.90 15.10 -19.21
C LEU A 284 24.19 15.40 -18.46
N ARG A 285 24.34 16.63 -17.94
CA ARG A 285 25.54 16.96 -17.19
C ARG A 285 25.64 16.11 -15.93
N LEU A 286 24.49 15.86 -15.27
CA LEU A 286 24.47 15.01 -14.08
C LEU A 286 24.82 13.57 -14.43
N TYR A 287 24.31 13.05 -15.54
CA TYR A 287 24.68 11.69 -15.92
C TYR A 287 26.18 11.57 -16.12
N HIS A 288 26.77 12.48 -16.90
CA HIS A 288 28.21 12.38 -17.17
C HIS A 288 29.02 12.36 -15.88
N ILE A 289 28.61 13.13 -14.88
CA ILE A 289 29.39 13.26 -13.64
C ILE A 289 29.17 12.09 -12.68
N THR A 290 28.15 11.24 -12.88
CA THR A 290 27.90 10.16 -11.92
C THR A 290 29.09 9.22 -11.81
N ASP A 291 29.84 9.03 -12.91
CA ASP A 291 31.03 8.18 -12.86
C ASP A 291 32.05 8.66 -11.83
N GLN A 292 32.04 9.95 -11.52
CA GLN A 292 33.05 10.53 -10.63
C GLN A 292 32.60 10.64 -9.19
N VAL A 293 31.41 10.12 -8.85
CA VAL A 293 30.88 10.16 -7.49
C VAL A 293 30.46 8.74 -7.08
N HIS A 294 31.07 8.22 -6.02
CA HIS A 294 30.65 6.91 -5.52
C HIS A 294 29.19 6.95 -5.10
N LEU A 295 28.48 5.86 -5.37
CA LEU A 295 27.11 5.69 -4.91
C LEU A 295 27.03 5.95 -3.40
N TYR A 296 25.87 6.43 -2.95
CA TYR A 296 25.68 6.74 -1.54
C TYR A 296 24.35 6.15 -1.10
N PRO A 297 24.23 5.68 0.15
CA PRO A 297 22.99 4.98 0.53
C PRO A 297 21.74 5.84 0.48
N ILE A 298 21.86 7.17 0.50
CA ILE A 298 20.72 8.08 0.45
C ILE A 298 20.71 8.74 -0.94
N ASP A 299 19.65 8.49 -1.72
CA ASP A 299 19.74 8.85 -3.13
C ASP A 299 19.68 10.35 -3.35
N ASP A 300 18.88 11.09 -2.58
CA ASP A 300 18.81 12.53 -2.84
CA ASP A 300 18.80 12.54 -2.77
C ASP A 300 20.08 13.24 -2.37
N VAL A 301 20.79 12.70 -1.37
CA VAL A 301 22.11 13.23 -1.04
C VAL A 301 23.07 12.99 -2.19
N TYR A 302 22.99 11.82 -2.83
CA TYR A 302 23.87 11.50 -3.94
C TYR A 302 23.70 12.52 -5.06
N THR A 303 22.44 12.84 -5.39
CA THR A 303 22.18 13.83 -6.42
C THR A 303 22.78 15.18 -6.05
N GLY A 304 22.65 15.57 -4.78
CA GLY A 304 23.27 16.79 -4.31
C GLY A 304 24.79 16.74 -4.40
N MET A 305 25.38 15.57 -4.18
CA MET A 305 26.83 15.43 -4.35
C MET A 305 27.22 15.64 -5.81
N CYS A 306 26.44 15.09 -6.74
CA CYS A 306 26.72 15.27 -8.14
C CYS A 306 26.60 16.73 -8.54
N LEU A 307 25.56 17.42 -8.05
CA LEU A 307 25.44 18.85 -8.35
C LEU A 307 26.62 19.64 -7.83
N GLN A 308 27.04 19.35 -6.60
CA GLN A 308 28.18 20.09 -6.04
C GLN A 308 29.44 19.85 -6.88
N LYS A 309 29.65 18.61 -7.33
CA LYS A 309 30.79 18.36 -8.22
C LYS A 309 30.67 19.15 -9.52
N LEU A 310 29.45 19.43 -9.97
CA LEU A 310 29.29 20.25 -11.17
C LEU A 310 29.50 21.74 -10.92
N GLY A 311 29.67 22.16 -9.67
CA GLY A 311 29.82 23.57 -9.35
C GLY A 311 28.51 24.29 -9.19
N LEU A 312 27.43 23.54 -8.94
CA LEU A 312 26.08 24.05 -8.87
C LEU A 312 25.51 23.87 -7.48
N VAL A 313 24.50 24.68 -7.16
CA VAL A 313 23.82 24.63 -5.87
C VAL A 313 22.33 24.62 -6.17
N PRO A 314 21.59 23.58 -5.78
CA PRO A 314 20.15 23.57 -6.05
C PRO A 314 19.46 24.67 -5.28
N GLU A 315 18.36 25.19 -5.83
CA GLU A 315 17.69 26.35 -5.26
C GLU A 315 16.39 25.93 -4.62
N LYS A 316 16.10 26.50 -3.44
CA LYS A 316 14.86 26.17 -2.75
C LYS A 316 13.69 26.89 -3.41
N HIS A 317 12.60 26.14 -3.62
CA HIS A 317 11.31 26.68 -4.03
C HIS A 317 10.30 26.33 -2.95
N LYS A 318 9.63 27.36 -2.41
CA LYS A 318 8.75 27.16 -1.26
C LYS A 318 7.52 26.32 -1.60
N GLY A 319 7.23 26.12 -2.88
CA GLY A 319 6.07 25.29 -3.23
C GLY A 319 6.28 23.80 -3.12
N PHE A 320 7.50 23.34 -2.84
CA PHE A 320 7.79 21.92 -2.65
C PHE A 320 7.68 21.61 -1.15
N ARG A 321 6.61 20.93 -0.78
CA ARG A 321 6.29 20.65 0.62
C ARG A 321 6.55 19.19 0.93
N THR A 322 7.83 18.82 0.94
CA THR A 322 8.21 17.41 1.13
C THR A 322 8.02 16.96 2.57
N PHE A 323 7.68 17.89 3.47
CA PHE A 323 7.32 17.59 4.84
C PHE A 323 5.88 17.97 5.13
N ASP A 324 5.05 18.02 4.07
CA ASP A 324 3.60 18.24 4.11
C ASP A 324 3.26 19.68 4.45
N ILE A 325 1.96 19.99 4.53
CA ILE A 325 1.46 21.32 4.82
C ILE A 325 0.81 21.28 6.19
N GLU A 326 0.34 22.43 6.67
CA GLU A 326 -0.25 22.48 8.01
C GLU A 326 -1.45 21.56 8.11
N GLU A 327 -1.53 20.87 9.25
CA GLU A 327 -2.61 19.91 9.46
C GLU A 327 -3.98 20.54 9.26
N LYS A 328 -4.11 21.83 9.54
CA LYS A 328 -5.42 22.49 9.49
C LYS A 328 -5.87 22.83 8.06
N ASN A 329 -4.95 22.84 7.10
CA ASN A 329 -5.26 23.27 5.74
C ASN A 329 -5.31 22.10 4.75
N LYS A 330 -5.32 20.86 5.24
CA LYS A 330 -5.25 19.70 4.35
C LYS A 330 -6.54 19.44 3.61
N ASN A 331 -7.66 20.03 4.05
CA ASN A 331 -8.96 19.76 3.46
C ASN A 331 -9.54 21.00 2.76
N ASN A 332 -8.69 21.96 2.40
CA ASN A 332 -9.08 23.12 1.60
C ASN A 332 -8.29 23.10 0.30
N ILE A 333 -8.99 22.86 -0.81
CA ILE A 333 -8.32 22.70 -2.09
C ILE A 333 -7.53 23.95 -2.49
N CYS A 334 -7.88 25.12 -1.96
CA CYS A 334 -7.10 26.32 -2.27
C CYS A 334 -5.68 26.23 -1.72
N SER A 335 -5.44 25.39 -0.70
CA SER A 335 -4.10 25.17 -0.19
C SER A 335 -3.18 24.53 -1.23
N TYR A 336 -3.74 23.83 -2.21
CA TYR A 336 -2.94 23.11 -3.19
C TYR A 336 -2.74 23.89 -4.48
N VAL A 337 -3.47 25.00 -4.67
CA VAL A 337 -3.36 25.77 -5.91
C VAL A 337 -1.96 26.33 -6.07
N ASP A 338 -1.40 26.83 -4.98
CA ASP A 338 -0.10 27.48 -5.02
C ASP A 338 1.05 26.55 -4.71
N LEU A 339 0.79 25.25 -4.56
CA LEU A 339 1.84 24.30 -4.24
C LEU A 339 2.38 23.64 -5.52
N MET A 340 3.63 23.22 -5.45
CA MET A 340 4.20 22.40 -6.52
C MET A 340 4.09 20.92 -6.19
N LEU A 341 4.22 20.56 -4.92
CA LEU A 341 4.33 19.17 -4.54
C LEU A 341 4.05 19.06 -3.05
N VAL A 342 3.39 17.98 -2.65
CA VAL A 342 3.10 17.69 -1.25
C VAL A 342 3.35 16.21 -0.99
N HIS A 343 4.14 15.92 0.04
CA HIS A 343 4.36 14.58 0.55
C HIS A 343 3.63 14.43 1.89
N SER A 344 2.91 13.33 2.11
CA SER A 344 2.67 12.22 1.21
C SER A 344 1.15 12.03 1.08
N ARG A 345 0.70 11.43 -0.02
CA ARG A 345 -0.72 11.23 -0.25
C ARG A 345 -0.93 9.84 -0.83
N LYS A 346 -2.03 9.22 -0.42
CA LYS A 346 -2.42 7.87 -0.83
C LYS A 346 -3.11 7.95 -2.19
N PRO A 347 -3.28 6.82 -2.89
CA PRO A 347 -3.84 6.88 -4.26
C PRO A 347 -5.18 7.62 -4.34
N GLN A 348 -6.12 7.30 -3.44
CA GLN A 348 -7.40 8.00 -3.47
C GLN A 348 -7.24 9.48 -3.16
N GLU A 349 -6.31 9.83 -2.28
CA GLU A 349 -6.12 11.23 -1.95
C GLU A 349 -5.59 12.00 -3.14
N MET A 350 -4.65 11.43 -3.90
CA MET A 350 -4.15 12.11 -5.09
C MET A 350 -5.27 12.37 -6.09
N ILE A 351 -6.12 11.38 -6.32
CA ILE A 351 -7.20 11.56 -7.27
C ILE A 351 -8.20 12.59 -6.74
N ASP A 352 -8.50 12.54 -5.45
CA ASP A 352 -9.42 13.50 -4.85
C ASP A 352 -8.88 14.92 -4.99
N ILE A 353 -7.61 15.14 -4.64
CA ILE A 353 -7.03 16.47 -4.75
C ILE A 353 -7.04 16.94 -6.20
N TRP A 354 -6.64 16.05 -7.12
CA TRP A 354 -6.58 16.41 -8.54
C TRP A 354 -7.97 16.77 -9.07
N SER A 355 -8.99 15.99 -8.71
CA SER A 355 -10.35 16.29 -9.17
C SER A 355 -10.81 17.66 -8.67
N GLN A 356 -10.64 17.94 -7.38
CA GLN A 356 -11.09 19.22 -6.85
C GLN A 356 -10.30 20.37 -7.46
N LEU A 357 -9.05 20.12 -7.85
CA LEU A 357 -8.20 21.16 -8.38
C LEU A 357 -8.65 21.60 -9.78
N GLN A 358 -9.27 20.70 -10.56
CA GLN A 358 -9.69 21.06 -11.90
C GLN A 358 -10.80 22.12 -11.91
N SER A 359 -11.56 22.24 -10.83
CA SER A 359 -12.57 23.29 -10.74
C SER A 359 -12.18 24.38 -9.75
N ALA A 360 -10.96 24.31 -9.20
CA ALA A 360 -10.59 25.21 -8.10
C ALA A 360 -10.52 26.67 -8.54
N HIS A 361 -10.26 26.92 -9.83
CA HIS A 361 -10.32 28.30 -10.31
C HIS A 361 -11.70 28.91 -10.12
N LEU A 362 -12.74 28.07 -10.02
CA LEU A 362 -14.09 28.60 -9.79
C LEU A 362 -14.28 29.11 -8.37
N LYS A 363 -13.46 28.66 -7.42
CA LYS A 363 -13.46 29.21 -6.08
C LYS A 363 -12.09 29.83 -5.79
N CYS A 364 -11.68 29.84 -4.53
CA CYS A 364 -10.36 30.34 -4.13
C CYS A 364 -10.14 31.77 -4.57
N GLU B 23 -34.12 4.56 22.27
CA GLU B 23 -34.02 5.92 21.75
C GLU B 23 -33.00 6.00 20.61
N ALA B 24 -31.94 5.21 20.68
CA ALA B 24 -31.01 5.16 19.57
C ALA B 24 -31.65 4.46 18.37
N TYR B 25 -31.20 4.86 17.17
CA TYR B 25 -31.90 4.43 15.96
C TYR B 25 -31.78 2.92 15.76
N TRP B 26 -30.57 2.39 15.82
CA TRP B 26 -30.38 0.97 15.55
C TRP B 26 -31.17 0.13 16.54
N ASN B 27 -31.10 0.48 17.82
CA ASN B 27 -31.82 -0.27 18.84
C ASN B 27 -33.32 -0.29 18.58
N ARG B 28 -33.89 0.86 18.19
CA ARG B 28 -35.33 0.91 17.99
C ARG B 28 -35.75 0.10 16.77
N GLU B 29 -34.99 0.20 15.68
CA GLU B 29 -35.31 -0.58 14.48
C GLU B 29 -35.10 -2.07 14.72
N GLN B 30 -34.07 -2.44 15.48
CA GLN B 30 -33.85 -3.85 15.79
C GLN B 30 -34.97 -4.42 16.63
N GLU B 31 -35.48 -3.63 17.59
CA GLU B 31 -36.62 -4.06 18.39
C GLU B 31 -37.84 -4.28 17.50
N LYS B 32 -38.05 -3.39 16.53
CA LYS B 32 -39.12 -3.61 15.55
C LYS B 32 -38.96 -4.93 14.83
N LEU B 33 -37.71 -5.25 14.42
CA LEU B 33 -37.42 -6.53 13.77
C LEU B 33 -37.72 -7.70 14.69
N ASN B 34 -37.34 -7.59 15.97
CA ASN B 34 -37.62 -8.65 16.92
C ASN B 34 -39.10 -8.94 17.00
N ARG B 35 -39.93 -7.89 17.04
CA ARG B 35 -41.37 -8.10 17.09
C ARG B 35 -41.91 -8.72 15.82
N GLN B 36 -41.27 -8.47 14.68
CA GLN B 36 -41.74 -9.05 13.42
C GLN B 36 -41.37 -10.52 13.27
N TYR B 37 -40.24 -10.96 13.81
CA TYR B 37 -39.83 -12.35 13.71
C TYR B 37 -40.23 -13.20 14.92
N ASN B 38 -40.82 -12.60 15.95
CA ASN B 38 -41.21 -13.31 17.16
C ASN B 38 -42.69 -13.08 17.41
N SER B 58 -39.76 -3.21 3.59
CA SER B 58 -38.77 -4.28 3.70
C SER B 58 -37.45 -3.79 4.28
N HIS B 59 -36.82 -4.62 5.12
CA HIS B 59 -35.52 -4.32 5.68
C HIS B 59 -34.39 -5.09 4.99
N LEU B 60 -34.70 -5.76 3.88
CA LEU B 60 -33.75 -6.66 3.21
C LEU B 60 -33.49 -6.29 1.76
N ASN B 61 -34.50 -5.82 1.01
CA ASN B 61 -34.30 -5.48 -0.40
C ASN B 61 -34.87 -4.10 -0.75
N TYR B 62 -34.96 -3.20 0.23
CA TYR B 62 -35.35 -1.81 -0.03
C TYR B 62 -34.09 -1.03 -0.33
N CYS B 63 -33.86 -0.69 -1.59
CA CYS B 63 -32.60 -0.12 -2.01
C CYS B 63 -32.71 1.32 -2.51
N GLU B 64 -33.87 1.94 -2.43
CA GLU B 64 -33.94 3.37 -2.53
C GLU B 64 -33.48 4.00 -1.22
N PRO B 65 -33.05 5.25 -1.24
CA PRO B 65 -32.68 5.92 0.01
C PRO B 65 -33.89 6.01 0.94
N ASP B 66 -33.68 5.63 2.20
CA ASP B 66 -34.73 5.64 3.21
C ASP B 66 -34.78 7.05 3.81
N LEU B 67 -35.50 7.93 3.13
CA LEU B 67 -35.50 9.35 3.49
C LEU B 67 -36.08 9.61 4.87
N ARG B 68 -36.80 8.64 5.43
CA ARG B 68 -37.32 8.77 6.80
C ARG B 68 -36.22 9.12 7.81
N VAL B 69 -34.99 8.61 7.61
CA VAL B 69 -33.94 8.80 8.60
C VAL B 69 -33.59 10.27 8.76
N THR B 70 -33.81 11.09 7.73
CA THR B 70 -33.45 12.50 7.83
C THR B 70 -34.31 13.24 8.83
N SER B 71 -35.51 12.73 9.13
CA SER B 71 -36.40 13.36 10.10
C SER B 71 -36.38 12.69 11.46
N VAL B 72 -36.09 11.39 11.53
CA VAL B 72 -36.20 10.67 12.79
C VAL B 72 -34.86 10.52 13.51
N VAL B 73 -33.74 10.72 12.82
CA VAL B 73 -32.43 10.70 13.46
C VAL B 73 -32.04 12.13 13.82
N THR B 74 -31.88 12.39 15.12
CA THR B 74 -31.55 13.73 15.60
C THR B 74 -30.19 14.17 15.09
N GLY B 75 -30.14 15.37 14.51
CA GLY B 75 -28.90 15.93 14.02
C GLY B 75 -28.33 15.20 12.82
N PHE B 76 -29.19 14.53 12.03
CA PHE B 76 -28.73 13.75 10.89
C PHE B 76 -27.85 14.56 9.96
N ASN B 77 -28.23 15.82 9.70
CA ASN B 77 -27.48 16.65 8.75
C ASN B 77 -26.04 16.86 9.20
N ASN B 78 -25.76 16.76 10.50
CA ASN B 78 -24.42 16.97 11.02
C ASN B 78 -23.67 15.66 11.23
N LEU B 79 -24.23 14.53 10.76
CA LEU B 79 -23.46 13.30 10.86
C LEU B 79 -22.45 13.20 9.73
N PRO B 80 -21.31 12.55 9.97
CA PRO B 80 -20.37 12.25 8.89
C PRO B 80 -21.05 11.43 7.79
N ASP B 81 -20.53 11.59 6.57
CA ASP B 81 -21.15 10.99 5.39
C ASP B 81 -21.30 9.47 5.52
N ARG B 82 -20.34 8.80 6.17
CA ARG B 82 -20.44 7.36 6.29
C ARG B 82 -21.67 6.93 7.09
N PHE B 83 -22.09 7.75 8.06
CA PHE B 83 -23.31 7.44 8.80
C PHE B 83 -24.54 7.77 7.99
N LYS B 84 -24.51 8.87 7.23
CA LYS B 84 -25.60 9.17 6.31
C LYS B 84 -25.84 8.00 5.37
N ASP B 85 -24.76 7.50 4.74
CA ASP B 85 -24.89 6.35 3.84
C ASP B 85 -25.35 5.11 4.59
N PHE B 86 -24.80 4.87 5.78
CA PHE B 86 -25.21 3.68 6.52
C PHE B 86 -26.70 3.70 6.85
N LEU B 87 -27.21 4.87 7.26
CA LEU B 87 -28.62 4.97 7.65
C LEU B 87 -29.53 4.97 6.43
N LEU B 88 -29.15 5.68 5.37
CA LEU B 88 -30.03 5.79 4.21
C LEU B 88 -30.22 4.44 3.50
N TYR B 89 -29.19 3.59 3.48
CA TYR B 89 -29.23 2.35 2.71
C TYR B 89 -29.19 1.10 3.60
N LEU B 90 -29.59 1.23 4.86
CA LEU B 90 -29.56 0.12 5.82
C LEU B 90 -30.37 -1.08 5.36
N ARG B 91 -31.49 -0.84 4.69
CA ARG B 91 -32.45 -1.89 4.40
C ARG B 91 -32.18 -2.60 3.07
N CYS B 92 -30.97 -2.48 2.54
CA CYS B 92 -30.62 -3.07 1.26
C CYS B 92 -29.45 -4.02 1.44
N ARG B 93 -29.66 -5.29 1.16
CA ARG B 93 -28.52 -6.21 1.20
C ARG B 93 -28.60 -7.27 0.11
N ASN B 94 -29.43 -7.06 -0.92
CA ASN B 94 -29.53 -8.01 -2.03
C ASN B 94 -28.61 -7.57 -3.17
N TYR B 95 -27.31 -7.69 -2.92
CA TYR B 95 -26.29 -7.41 -3.91
C TYR B 95 -25.88 -8.70 -4.59
N SER B 96 -25.38 -8.59 -5.82
CA SER B 96 -25.10 -9.76 -6.63
C SER B 96 -23.60 -9.95 -6.78
N LEU B 97 -23.19 -11.18 -7.09
CA LEU B 97 -21.79 -11.48 -7.37
C LEU B 97 -21.43 -11.02 -8.78
N LEU B 98 -20.41 -10.18 -8.89
CA LEU B 98 -19.80 -9.83 -10.18
C LEU B 98 -18.72 -10.83 -10.59
N ILE B 99 -17.96 -11.35 -9.63
CA ILE B 99 -16.95 -12.38 -9.88
C ILE B 99 -17.19 -13.50 -8.89
N ASP B 100 -17.49 -14.69 -9.39
CA ASP B 100 -17.73 -15.86 -8.55
C ASP B 100 -16.68 -16.92 -8.83
N GLN B 101 -16.51 -17.83 -7.88
CA GLN B 101 -15.75 -19.07 -8.11
C GLN B 101 -16.63 -20.24 -7.71
N PRO B 102 -17.60 -20.60 -8.56
CA PRO B 102 -18.66 -21.54 -8.15
C PRO B 102 -18.16 -22.93 -7.80
N ASP B 103 -17.00 -23.35 -8.29
CA ASP B 103 -16.49 -24.68 -8.01
C ASP B 103 -15.40 -24.69 -6.95
N LYS B 104 -15.23 -23.57 -6.24
CA LYS B 104 -14.24 -23.47 -5.17
C LYS B 104 -14.36 -24.63 -4.18
N CYS B 105 -15.57 -25.06 -3.88
CA CYS B 105 -15.78 -26.12 -2.91
C CYS B 105 -16.33 -27.39 -3.56
N ALA B 106 -16.01 -27.59 -4.85
CA ALA B 106 -16.45 -28.79 -5.55
C ALA B 106 -15.96 -30.06 -4.87
N LYS B 107 -14.77 -30.02 -4.29
CA LYS B 107 -14.31 -31.05 -3.37
C LYS B 107 -14.57 -30.51 -1.97
N LYS B 108 -15.39 -31.20 -1.19
CA LYS B 108 -15.82 -30.65 0.10
C LYS B 108 -14.60 -30.31 0.95
N PRO B 109 -14.43 -29.06 1.36
CA PRO B 109 -13.25 -28.67 2.12
C PRO B 109 -13.29 -29.11 3.57
N PHE B 110 -12.09 -29.32 4.12
CA PHE B 110 -11.97 -29.36 5.57
C PHE B 110 -11.96 -27.96 6.16
N LEU B 111 -11.25 -27.04 5.50
CA LEU B 111 -11.11 -25.68 6.02
C LEU B 111 -11.23 -24.69 4.88
N LEU B 112 -12.12 -23.72 5.03
CA LEU B 112 -12.26 -22.62 4.09
C LEU B 112 -11.60 -21.39 4.69
N LEU B 113 -10.63 -20.80 3.98
CA LEU B 113 -10.04 -19.53 4.35
C LEU B 113 -10.74 -18.42 3.58
N ALA B 114 -11.30 -17.45 4.29
CA ALA B 114 -12.06 -16.36 3.69
C ALA B 114 -11.44 -15.05 4.18
N ILE B 115 -10.89 -14.27 3.25
CA ILE B 115 -10.05 -13.15 3.63
C ILE B 115 -10.65 -11.86 3.10
N LYS B 116 -10.94 -10.93 3.99
CA LYS B 116 -11.44 -9.63 3.60
C LYS B 116 -10.32 -8.84 2.93
N SER B 117 -10.60 -8.28 1.75
CA SER B 117 -9.58 -7.54 0.99
C SER B 117 -10.24 -6.45 0.14
N LEU B 118 -9.42 -5.48 -0.27
CA LEU B 118 -9.80 -4.40 -1.18
C LEU B 118 -9.04 -4.56 -2.49
N THR B 119 -9.69 -4.21 -3.61
CA THR B 119 -9.05 -4.31 -4.93
C THR B 119 -7.57 -3.93 -4.95
N PRO B 120 -7.12 -2.79 -4.42
CA PRO B 120 -5.71 -2.41 -4.58
C PRO B 120 -4.73 -3.31 -3.81
N HIS B 121 -5.20 -4.21 -2.92
CA HIS B 121 -4.28 -4.95 -2.06
C HIS B 121 -3.68 -6.18 -2.76
N PHE B 122 -3.06 -5.98 -3.93
CA PHE B 122 -2.54 -7.13 -4.69
C PHE B 122 -1.42 -7.85 -3.96
N ALA B 123 -0.47 -7.10 -3.40
CA ALA B 123 0.66 -7.71 -2.72
C ALA B 123 0.23 -8.44 -1.45
N ARG B 124 -0.74 -7.88 -0.70
CA ARG B 124 -1.25 -8.59 0.47
C ARG B 124 -1.83 -9.94 0.09
N ARG B 125 -2.61 -9.98 -0.99
CA ARG B 125 -3.25 -11.25 -1.35
C ARG B 125 -2.22 -12.27 -1.82
N GLN B 126 -1.27 -11.84 -2.66
CA GLN B 126 -0.27 -12.77 -3.16
C GLN B 126 0.62 -13.30 -2.04
N ALA B 127 0.96 -12.46 -1.05
CA ALA B 127 1.78 -12.97 0.06
C ALA B 127 1.03 -14.07 0.83
N ILE B 128 -0.25 -13.87 1.02
CA ILE B 128 -1.08 -14.89 1.67
C ILE B 128 -1.08 -16.19 0.85
N ARG B 129 -1.26 -16.08 -0.47
CA ARG B 129 -1.25 -17.27 -1.34
C ARG B 129 0.03 -18.06 -1.17
N GLU B 130 1.15 -17.37 -0.98
CA GLU B 130 2.44 -18.04 -0.93
C GLU B 130 2.84 -18.46 0.48
N SER B 131 2.08 -18.05 1.49
CA SER B 131 2.51 -18.33 2.85
C SER B 131 1.42 -19.12 3.55
N TRP B 132 0.66 -18.51 4.45
CA TRP B 132 -0.26 -19.27 5.27
C TRP B 132 -1.56 -19.61 4.56
N GLY B 133 -1.86 -19.00 3.41
CA GLY B 133 -3.12 -19.25 2.72
C GLY B 133 -3.01 -20.19 1.52
N GLN B 134 -1.92 -20.94 1.42
CA GLN B 134 -1.79 -21.94 0.36
C GLN B 134 -2.93 -22.93 0.43
N GLU B 135 -3.52 -23.26 -0.72
CA GLU B 135 -4.48 -24.35 -0.80
C GLU B 135 -3.75 -25.68 -0.80
N SER B 136 -4.38 -26.71 -0.22
CA SER B 136 -3.67 -27.96 -0.05
C SER B 136 -4.65 -29.09 0.14
N ASN B 137 -4.11 -30.31 0.11
CA ASN B 137 -4.89 -31.53 0.22
C ASN B 137 -4.21 -32.55 1.14
N ALA B 138 -3.24 -32.12 1.95
CA ALA B 138 -2.47 -33.03 2.80
C ALA B 138 -3.39 -33.78 3.75
N GLY B 139 -3.20 -35.10 3.84
CA GLY B 139 -4.05 -35.95 4.63
C GLY B 139 -5.48 -36.02 4.14
N ASN B 140 -5.70 -35.64 2.87
CA ASN B 140 -7.04 -35.44 2.30
C ASN B 140 -7.88 -34.50 3.17
N GLN B 141 -7.22 -33.56 3.85
CA GLN B 141 -7.86 -32.46 4.55
C GLN B 141 -7.69 -31.23 3.67
N THR B 142 -8.71 -30.97 2.86
CA THR B 142 -8.64 -29.95 1.85
C THR B 142 -8.76 -28.56 2.47
N VAL B 143 -7.85 -27.66 2.08
CA VAL B 143 -7.93 -26.24 2.44
C VAL B 143 -8.15 -25.45 1.16
N VAL B 144 -9.17 -24.60 1.15
CA VAL B 144 -9.47 -23.75 0.00
C VAL B 144 -9.53 -22.30 0.47
N ARG B 145 -9.32 -21.39 -0.48
CA ARG B 145 -9.07 -19.99 -0.18
C ARG B 145 -9.91 -19.09 -1.08
N VAL B 146 -10.57 -18.09 -0.47
CA VAL B 146 -11.26 -17.03 -1.21
C VAL B 146 -10.92 -15.69 -0.59
N PHE B 147 -10.80 -14.68 -1.43
CA PHE B 147 -10.70 -13.29 -0.99
C PHE B 147 -12.03 -12.61 -1.24
N LEU B 148 -12.44 -11.74 -0.32
CA LEU B 148 -13.78 -11.15 -0.28
C LEU B 148 -13.69 -9.66 -0.61
N LEU B 149 -14.23 -9.27 -1.77
CA LEU B 149 -14.09 -7.91 -2.30
C LEU B 149 -15.46 -7.37 -2.67
N GLY B 150 -15.61 -6.05 -2.52
CA GLY B 150 -16.66 -5.31 -3.16
C GLY B 150 -16.10 -4.39 -4.24
N GLN B 151 -16.91 -3.45 -4.68
CA GLN B 151 -16.45 -2.50 -5.69
C GLN B 151 -15.62 -1.37 -5.08
N THR B 152 -14.64 -0.88 -5.86
CA THR B 152 -13.84 0.30 -5.51
C THR B 152 -14.07 1.32 -6.63
N PRO B 153 -15.18 2.06 -6.59
CA PRO B 153 -15.63 2.80 -7.78
C PRO B 153 -14.92 4.13 -7.92
N PRO B 154 -14.92 4.72 -9.13
CA PRO B 154 -14.26 6.02 -9.30
C PRO B 154 -14.87 7.15 -8.48
N GLU B 155 -16.15 7.07 -8.11
CA GLU B 155 -16.77 8.13 -7.31
C GLU B 155 -16.20 8.23 -5.91
N ASP B 156 -15.59 7.15 -5.41
CA ASP B 156 -14.84 7.18 -4.16
C ASP B 156 -13.36 7.48 -4.39
N ASN B 157 -13.01 7.96 -5.58
CA ASN B 157 -11.66 8.41 -5.93
C ASN B 157 -10.65 7.26 -6.02
N HIS B 158 -11.11 6.01 -6.22
CA HIS B 158 -10.21 4.87 -6.41
C HIS B 158 -9.65 4.89 -7.83
N PRO B 159 -8.36 4.60 -8.01
CA PRO B 159 -7.84 4.38 -9.37
C PRO B 159 -8.55 3.19 -10.02
N ASP B 160 -8.63 3.21 -11.34
CA ASP B 160 -9.30 2.11 -12.04
C ASP B 160 -8.32 0.94 -12.15
N LEU B 161 -8.51 -0.07 -11.30
CA LEU B 161 -7.71 -1.28 -11.30
C LEU B 161 -8.49 -2.48 -11.81
N SER B 162 -9.54 -2.25 -12.59
CA SER B 162 -10.41 -3.36 -12.97
C SER B 162 -9.67 -4.35 -13.87
N ASP B 163 -8.76 -3.87 -14.72
CA ASP B 163 -8.03 -4.78 -15.60
C ASP B 163 -7.01 -5.61 -14.82
N MET B 164 -6.32 -5.01 -13.84
CA MET B 164 -5.43 -5.81 -12.99
C MET B 164 -6.23 -6.85 -12.18
N LEU B 165 -7.41 -6.47 -11.68
CA LEU B 165 -8.18 -7.43 -10.86
C LEU B 165 -8.69 -8.59 -11.71
N LYS B 166 -9.10 -8.32 -12.95
CA LYS B 166 -9.50 -9.39 -13.86
C LYS B 166 -8.33 -10.33 -14.16
N PHE B 167 -7.13 -9.77 -14.39
CA PHE B 167 -5.95 -10.60 -14.61
C PHE B 167 -5.71 -11.52 -13.42
N GLU B 168 -5.73 -10.95 -12.22
CA GLU B 168 -5.51 -11.72 -10.99
C GLU B 168 -6.56 -12.79 -10.79
N SER B 169 -7.83 -12.44 -11.00
CA SER B 169 -8.91 -13.41 -10.85
C SER B 169 -8.75 -14.57 -11.84
N GLU B 170 -8.41 -14.27 -13.08
CA GLU B 170 -8.21 -15.36 -14.03
C GLU B 170 -6.99 -16.19 -13.67
N LYS B 171 -5.95 -15.57 -13.10
CA LYS B 171 -4.73 -16.32 -12.79
C LYS B 171 -4.93 -17.23 -11.58
N HIS B 172 -5.59 -16.71 -10.55
CA HIS B 172 -5.60 -17.39 -9.26
C HIS B 172 -6.94 -17.99 -8.86
N GLN B 173 -8.04 -17.58 -9.49
CA GLN B 173 -9.36 -18.21 -9.30
C GLN B 173 -9.79 -18.26 -7.84
N ASP B 174 -9.54 -17.16 -7.12
CA ASP B 174 -9.88 -17.11 -5.70
C ASP B 174 -10.46 -15.75 -5.33
N ILE B 175 -10.96 -14.99 -6.30
CA ILE B 175 -11.57 -13.69 -6.03
C ILE B 175 -13.09 -13.83 -6.06
N LEU B 176 -13.76 -13.46 -4.96
CA LEU B 176 -15.21 -13.28 -4.95
C LEU B 176 -15.47 -11.78 -4.87
N MET B 177 -16.26 -11.25 -5.82
CA MET B 177 -16.51 -9.82 -5.81
C MET B 177 -17.97 -9.52 -6.05
N TRP B 178 -18.53 -8.68 -5.18
CA TRP B 178 -19.94 -8.32 -5.19
C TRP B 178 -20.08 -6.87 -5.63
N ASN B 179 -21.28 -6.51 -6.06
CA ASN B 179 -21.56 -5.17 -6.62
CA ASN B 179 -21.58 -5.19 -6.62
C ASN B 179 -22.08 -4.21 -5.56
N TYR B 180 -21.35 -4.09 -4.45
CA TYR B 180 -21.62 -3.04 -3.48
C TYR B 180 -20.33 -2.25 -3.26
N ARG B 181 -20.50 -1.04 -2.75
CA ARG B 181 -19.39 -0.12 -2.49
C ARG B 181 -18.55 -0.62 -1.30
N ASP B 182 -17.31 -1.01 -1.56
CA ASP B 182 -16.46 -1.60 -0.52
C ASP B 182 -15.93 -0.48 0.37
N THR B 183 -16.47 -0.38 1.59
CA THR B 183 -16.11 0.65 2.56
C THR B 183 -15.99 0.00 3.93
N PHE B 184 -15.42 0.76 4.88
CA PHE B 184 -15.26 0.25 6.24
C PHE B 184 -16.60 -0.11 6.87
N PHE B 185 -17.59 0.78 6.75
CA PHE B 185 -18.91 0.51 7.31
C PHE B 185 -19.70 -0.50 6.50
N ASN B 186 -19.21 -0.92 5.34
CA ASN B 186 -19.88 -1.98 4.60
C ASN B 186 -19.25 -3.33 4.83
N LEU B 187 -18.33 -3.43 5.81
CA LEU B 187 -17.78 -4.75 6.10
C LEU B 187 -18.86 -5.69 6.66
N SER B 188 -19.92 -5.16 7.28
CA SER B 188 -20.98 -6.06 7.73
C SER B 188 -21.79 -6.58 6.55
N LEU B 189 -21.91 -5.76 5.51
CA LEU B 189 -22.37 -6.27 4.23
C LEU B 189 -21.43 -7.34 3.67
N LYS B 190 -20.12 -7.13 3.79
CA LYS B 190 -19.19 -8.15 3.30
C LYS B 190 -19.36 -9.45 4.07
N GLU B 191 -19.64 -9.37 5.36
CA GLU B 191 -19.89 -10.55 6.17
C GLU B 191 -21.17 -11.27 5.74
N VAL B 192 -22.27 -10.54 5.59
CA VAL B 192 -23.55 -11.16 5.27
C VAL B 192 -23.50 -11.81 3.90
N LEU B 193 -22.90 -11.13 2.92
CA LEU B 193 -22.86 -11.69 1.58
C LEU B 193 -21.92 -12.88 1.51
N PHE B 194 -20.83 -12.87 2.28
CA PHE B 194 -19.97 -14.05 2.36
C PHE B 194 -20.73 -15.23 2.97
N LEU B 195 -21.46 -14.99 4.07
CA LEU B 195 -22.23 -16.09 4.68
C LEU B 195 -23.27 -16.62 3.70
N ARG B 196 -23.89 -15.73 2.93
CA ARG B 196 -24.79 -16.14 1.87
C ARG B 196 -24.09 -17.05 0.87
N TRP B 197 -22.86 -16.67 0.48
CA TRP B 197 -22.09 -17.47 -0.47
C TRP B 197 -21.74 -18.83 0.12
N VAL B 198 -21.41 -18.89 1.41
CA VAL B 198 -21.19 -20.18 2.05
C VAL B 198 -22.44 -21.04 1.93
N SER B 199 -23.59 -20.43 2.20
CA SER B 199 -24.84 -21.16 2.17
C SER B 199 -25.15 -21.70 0.78
N THR B 200 -24.86 -20.92 -0.27
CA THR B 200 -25.20 -21.32 -1.63
C THR B 200 -24.12 -22.16 -2.30
N SER B 201 -22.85 -21.89 -2.01
CA SER B 201 -21.75 -22.41 -2.82
C SER B 201 -20.69 -23.16 -2.04
N CYS B 202 -20.67 -23.08 -0.70
CA CYS B 202 -19.71 -23.87 0.05
C CYS B 202 -20.32 -24.42 1.35
N PRO B 203 -21.53 -24.99 1.32
CA PRO B 203 -22.22 -25.28 2.58
C PRO B 203 -21.65 -26.46 3.34
N ASP B 204 -20.78 -27.25 2.72
CA ASP B 204 -20.32 -28.48 3.34
C ASP B 204 -18.89 -28.37 3.89
N THR B 205 -18.31 -27.17 3.90
CA THR B 205 -16.98 -27.05 4.49
C THR B 205 -17.06 -27.38 5.97
N GLU B 206 -16.07 -28.14 6.46
CA GLU B 206 -16.16 -28.57 7.86
C GLU B 206 -15.95 -27.37 8.79
N PHE B 207 -15.01 -26.49 8.44
CA PHE B 207 -14.65 -25.32 9.24
C PHE B 207 -14.43 -24.12 8.33
N VAL B 208 -14.50 -22.93 8.94
CA VAL B 208 -14.28 -21.66 8.25
C VAL B 208 -13.32 -20.84 9.09
N PHE B 209 -12.31 -20.28 8.43
CA PHE B 209 -11.52 -19.21 9.03
C PHE B 209 -11.82 -17.94 8.25
N LYS B 210 -12.30 -16.90 8.94
CA LYS B 210 -12.51 -15.60 8.30
C LYS B 210 -11.64 -14.56 8.98
N GLY B 211 -10.91 -13.79 8.18
CA GLY B 211 -9.95 -12.86 8.74
C GLY B 211 -9.50 -11.81 7.75
N ASP B 212 -8.52 -11.02 8.16
CA ASP B 212 -8.06 -9.87 7.39
C ASP B 212 -6.88 -10.22 6.50
N ASP B 213 -6.62 -9.35 5.51
CA ASP B 213 -5.55 -9.61 4.56
C ASP B 213 -4.21 -9.08 5.03
N ASP B 214 -4.11 -8.62 6.28
CA ASP B 214 -2.81 -8.26 6.84
C ASP B 214 -2.59 -8.89 8.21
N VAL B 215 -3.14 -10.08 8.46
CA VAL B 215 -2.83 -10.82 9.69
C VAL B 215 -2.00 -12.04 9.32
N PHE B 216 -1.04 -12.39 10.17
CA PHE B 216 -0.35 -13.65 10.00
C PHE B 216 -1.15 -14.74 10.69
N VAL B 217 -1.35 -15.88 10.01
CA VAL B 217 -2.10 -17.00 10.55
C VAL B 217 -1.21 -18.23 10.55
N ASN B 218 -1.14 -18.93 11.68
CA ASN B 218 -0.40 -20.20 11.73
C ASN B 218 -1.39 -21.30 11.37
N THR B 219 -1.53 -21.52 10.07
CA THR B 219 -2.53 -22.46 9.55
C THR B 219 -2.22 -23.90 9.97
N HIS B 220 -0.95 -24.25 10.16
CA HIS B 220 -0.63 -25.57 10.66
C HIS B 220 -1.15 -25.77 12.07
N HIS B 221 -1.01 -24.74 12.92
CA HIS B 221 -1.54 -24.82 14.27
C HIS B 221 -3.07 -24.90 14.25
N ILE B 222 -3.70 -24.17 13.33
CA ILE B 222 -5.16 -24.21 13.23
C ILE B 222 -5.63 -25.62 12.88
N LEU B 223 -4.99 -26.24 11.90
CA LEU B 223 -5.36 -27.59 11.49
C LEU B 223 -5.12 -28.60 12.60
N ASN B 224 -3.97 -28.51 13.29
CA ASN B 224 -3.73 -29.37 14.45
C ASN B 224 -4.80 -29.18 15.51
N TYR B 225 -5.18 -27.93 15.77
CA TYR B 225 -6.24 -27.66 16.74
C TYR B 225 -7.56 -28.27 16.29
N LEU B 226 -7.94 -28.05 15.03
CA LEU B 226 -9.21 -28.59 14.54
C LEU B 226 -9.24 -30.11 14.60
N ASN B 227 -8.10 -30.77 14.34
CA ASN B 227 -8.08 -32.23 14.37
C ASN B 227 -8.12 -32.79 15.78
N SER B 228 -7.85 -31.99 16.81
CA SER B 228 -7.92 -32.49 18.18
C SER B 228 -9.27 -32.25 18.83
N LEU B 229 -10.21 -31.63 18.11
CA LEU B 229 -11.52 -31.32 18.68
C LEU B 229 -12.37 -32.58 18.82
N SER B 230 -13.11 -32.66 19.93
CA SER B 230 -14.17 -33.63 20.00
C SER B 230 -15.25 -33.30 18.96
N LYS B 231 -16.03 -34.32 18.61
CA LYS B 231 -17.12 -34.14 17.66
C LYS B 231 -18.16 -33.16 18.18
N THR B 232 -18.38 -33.13 19.49
CA THR B 232 -19.38 -32.23 20.06
C THR B 232 -18.89 -30.79 20.04
N LYS B 233 -17.66 -30.56 20.52
CA LYS B 233 -17.09 -29.22 20.52
C LYS B 233 -17.00 -28.64 19.10
N ALA B 234 -16.84 -29.50 18.09
CA ALA B 234 -16.67 -29.02 16.73
C ALA B 234 -17.99 -28.61 16.07
N LYS B 235 -19.13 -29.14 16.51
CA LYS B 235 -20.39 -28.87 15.81
C LYS B 235 -20.75 -27.38 15.83
N ASP B 236 -20.50 -26.70 16.94
CA ASP B 236 -20.83 -25.28 17.08
C ASP B 236 -19.60 -24.48 17.51
N LEU B 237 -18.43 -24.89 17.03
CA LEU B 237 -17.19 -24.18 17.31
C LEU B 237 -17.27 -22.73 16.85
N PHE B 238 -16.91 -21.81 17.74
CA PHE B 238 -16.64 -20.43 17.35
C PHE B 238 -15.66 -19.85 18.36
N ILE B 239 -14.42 -19.60 17.92
CA ILE B 239 -13.35 -19.14 18.81
C ILE B 239 -12.61 -17.98 18.17
N GLY B 240 -12.00 -17.18 19.03
CA GLY B 240 -11.16 -16.10 18.55
C GLY B 240 -10.66 -15.27 19.71
N ASP B 241 -10.31 -14.03 19.41
CA ASP B 241 -9.88 -13.07 20.43
C ASP B 241 -11.16 -12.38 20.94
N VAL B 242 -11.82 -13.05 21.88
CA VAL B 242 -13.17 -12.65 22.27
C VAL B 242 -13.12 -11.52 23.29
N ILE B 243 -13.88 -10.47 23.02
CA ILE B 243 -13.94 -9.27 23.84
C ILE B 243 -15.26 -9.27 24.59
N HIS B 244 -15.19 -9.24 25.92
CA HIS B 244 -16.37 -9.21 26.77
C HIS B 244 -16.57 -7.81 27.34
N ASN B 245 -17.83 -7.47 27.61
CA ASN B 245 -18.20 -6.24 28.29
C ASN B 245 -17.71 -5.00 27.54
N ALA B 246 -17.69 -5.07 26.21
CA ALA B 246 -17.29 -3.93 25.41
C ALA B 246 -18.49 -3.02 25.14
N GLY B 247 -18.17 -1.77 24.82
CA GLY B 247 -19.18 -0.82 24.43
C GLY B 247 -18.74 -0.04 23.22
N PRO B 248 -19.64 0.73 22.62
CA PRO B 248 -19.27 1.47 21.41
C PRO B 248 -18.28 2.57 21.77
N HIS B 249 -17.32 2.79 20.87
CA HIS B 249 -16.43 3.93 21.03
C HIS B 249 -17.18 5.23 20.75
N ARG B 250 -17.10 6.17 21.68
CA ARG B 250 -17.69 7.48 21.49
C ARG B 250 -16.67 8.52 21.09
N ASP B 251 -15.42 8.09 20.86
CA ASP B 251 -14.33 9.02 20.54
C ASP B 251 -14.34 9.29 19.05
N LYS B 252 -14.57 10.56 18.68
CA LYS B 252 -14.76 10.89 17.27
C LYS B 252 -13.51 10.69 16.42
N LYS B 253 -12.33 10.53 17.01
CA LYS B 253 -11.13 10.34 16.22
C LYS B 253 -10.85 8.89 15.87
N LEU B 254 -11.56 7.94 16.46
CA LEU B 254 -11.34 6.53 16.15
C LEU B 254 -12.28 6.08 15.04
N LYS B 255 -11.78 5.15 14.20
CA LYS B 255 -12.59 4.66 13.11
C LYS B 255 -13.80 3.88 13.62
N TYR B 256 -13.80 3.47 14.89
CA TYR B 256 -14.88 2.70 15.48
C TYR B 256 -15.96 3.58 16.11
N TYR B 257 -15.87 4.89 15.93
CA TYR B 257 -16.82 5.82 16.53
C TYR B 257 -18.25 5.48 16.13
N ILE B 258 -19.16 5.44 17.13
CA ILE B 258 -20.58 5.26 16.90
C ILE B 258 -21.30 6.32 17.73
N PRO B 259 -22.07 7.22 17.10
CA PRO B 259 -22.78 8.25 17.88
C PRO B 259 -23.88 7.65 18.75
N GLU B 260 -24.15 8.33 19.87
CA GLU B 260 -25.20 7.87 20.80
C GLU B 260 -26.55 7.79 20.11
N VAL B 261 -26.82 8.66 19.13
CA VAL B 261 -28.09 8.61 18.43
C VAL B 261 -28.21 7.40 17.51
N VAL B 262 -27.10 6.71 17.23
CA VAL B 262 -27.13 5.52 16.39
C VAL B 262 -27.28 4.26 17.21
N TYR B 263 -26.50 4.13 18.29
CA TYR B 263 -26.52 2.91 19.08
C TYR B 263 -26.32 3.23 20.55
N SER B 264 -27.17 2.64 21.40
CA SER B 264 -27.04 2.78 22.84
C SER B 264 -26.79 1.42 23.48
N GLY B 265 -26.17 1.44 24.65
CA GLY B 265 -25.92 0.23 25.39
C GLY B 265 -24.58 -0.42 25.05
N LEU B 266 -24.47 -1.68 25.41
CA LEU B 266 -23.22 -2.40 25.32
C LEU B 266 -23.25 -3.38 24.16
N TYR B 267 -22.12 -3.85 23.82
CA TYR B 267 -21.91 -4.84 22.79
C TYR B 267 -21.98 -6.25 23.39
N PRO B 268 -22.47 -7.22 22.63
CA PRO B 268 -22.38 -8.62 23.07
C PRO B 268 -20.92 -9.07 23.04
N PRO B 269 -20.60 -10.21 23.65
CA PRO B 269 -19.26 -10.78 23.46
C PRO B 269 -19.03 -11.03 21.97
N TYR B 270 -17.82 -10.73 21.51
CA TYR B 270 -17.51 -10.91 20.10
C TYR B 270 -16.03 -11.18 19.90
N ALA B 271 -15.71 -12.03 18.92
CA ALA B 271 -14.33 -12.27 18.54
C ALA B 271 -13.84 -11.17 17.60
N GLY B 272 -12.69 -10.57 17.93
CA GLY B 272 -12.08 -9.58 17.07
C GLY B 272 -11.97 -10.01 15.61
N GLY B 273 -12.37 -9.14 14.69
CA GLY B 273 -12.48 -9.51 13.29
C GLY B 273 -11.17 -9.81 12.59
N GLY B 274 -10.01 -9.54 13.22
CA GLY B 274 -8.74 -9.86 12.60
C GLY B 274 -8.68 -11.30 12.12
N GLY B 275 -9.31 -12.21 12.86
CA GLY B 275 -9.53 -13.55 12.37
C GLY B 275 -10.20 -14.40 13.42
N PHE B 276 -11.22 -15.17 13.03
CA PHE B 276 -11.84 -16.10 13.94
C PHE B 276 -12.15 -17.39 13.19
N LEU B 277 -12.47 -18.44 13.96
CA LEU B 277 -12.51 -19.80 13.46
C LEU B 277 -13.81 -20.47 13.92
N TYR B 278 -14.55 -21.05 12.99
CA TYR B 278 -15.84 -21.61 13.35
C TYR B 278 -16.21 -22.76 12.43
N SER B 279 -17.23 -23.53 12.86
CA SER B 279 -17.65 -24.67 12.06
C SER B 279 -18.53 -24.21 10.92
N GLY B 280 -18.51 -24.98 9.83
CA GLY B 280 -19.40 -24.71 8.72
C GLY B 280 -20.86 -24.89 9.10
N HIS B 281 -21.13 -25.80 10.03
CA HIS B 281 -22.48 -25.91 10.56
C HIS B 281 -22.94 -24.58 11.15
N LEU B 282 -22.09 -23.97 11.95
CA LEU B 282 -22.42 -22.67 12.52
C LEU B 282 -22.48 -21.57 11.45
N ALA B 283 -21.71 -21.70 10.37
CA ALA B 283 -21.78 -20.70 9.31
C ALA B 283 -23.18 -20.67 8.70
N LEU B 284 -23.77 -21.84 8.48
CA LEU B 284 -25.13 -21.89 7.96
C LEU B 284 -26.14 -21.34 8.96
N ARG B 285 -26.00 -21.68 10.24
CA ARG B 285 -26.95 -21.14 11.21
C ARG B 285 -26.81 -19.63 11.34
N LEU B 286 -25.58 -19.14 11.26
CA LEU B 286 -25.33 -17.70 11.29
C LEU B 286 -25.94 -17.02 10.06
N TYR B 287 -25.80 -17.60 8.87
CA TYR B 287 -26.40 -16.97 7.70
C TYR B 287 -27.91 -16.87 7.87
N HIS B 288 -28.55 -17.96 8.31
CA HIS B 288 -30.00 -17.94 8.50
C HIS B 288 -30.42 -16.81 9.43
N ILE B 289 -29.64 -16.56 10.49
CA ILE B 289 -30.07 -15.56 11.48
C ILE B 289 -29.79 -14.13 11.06
N THR B 290 -28.96 -13.90 10.02
CA THR B 290 -28.62 -12.53 9.63
C THR B 290 -29.86 -11.72 9.25
N ASP B 291 -30.88 -12.38 8.67
CA ASP B 291 -32.12 -11.67 8.31
C ASP B 291 -32.77 -11.02 9.52
N GLN B 292 -32.56 -11.57 10.70
CA GLN B 292 -33.21 -11.09 11.92
C GLN B 292 -32.38 -10.05 12.67
N VAL B 293 -31.22 -9.66 12.13
CA VAL B 293 -30.36 -8.66 12.76
C VAL B 293 -30.06 -7.57 11.74
N HIS B 294 -30.44 -6.33 12.05
CA HIS B 294 -30.10 -5.21 11.18
C HIS B 294 -28.60 -5.09 11.08
N LEU B 295 -28.13 -4.75 9.88
CA LEU B 295 -26.71 -4.48 9.66
C LEU B 295 -26.21 -3.47 10.68
N TYR B 296 -24.94 -3.60 11.04
CA TYR B 296 -24.35 -2.72 12.02
C TYR B 296 -23.00 -2.23 11.50
N PRO B 297 -22.62 -0.99 11.78
CA PRO B 297 -21.41 -0.44 11.15
C PRO B 297 -20.11 -1.14 11.52
N ILE B 298 -20.07 -1.89 12.62
CA ILE B 298 -18.87 -2.63 13.04
C ILE B 298 -19.13 -4.11 12.77
N ASP B 299 -18.35 -4.70 11.86
CA ASP B 299 -18.72 -6.01 11.33
C ASP B 299 -18.47 -7.13 12.34
N ASP B 300 -17.39 -7.07 13.11
CA ASP B 300 -17.18 -8.15 14.06
C ASP B 300 -18.16 -8.09 15.22
N VAL B 301 -18.61 -6.88 15.59
CA VAL B 301 -19.73 -6.75 16.53
C VAL B 301 -20.98 -7.39 15.94
N TYR B 302 -21.22 -7.17 14.65
CA TYR B 302 -22.40 -7.72 14.00
C TYR B 302 -22.43 -9.24 14.10
N THR B 303 -21.30 -9.90 13.82
CA THR B 303 -21.23 -11.35 13.97
C THR B 303 -21.51 -11.77 15.41
N GLY B 304 -21.01 -11.01 16.38
CA GLY B 304 -21.33 -11.27 17.77
C GLY B 304 -22.82 -11.13 18.08
N MET B 305 -23.47 -10.16 17.43
CA MET B 305 -24.91 -10.02 17.60
C MET B 305 -25.66 -11.23 17.06
N CYS B 306 -25.20 -11.74 15.91
CA CYS B 306 -25.82 -12.93 15.32
C CYS B 306 -25.63 -14.16 16.22
N LEU B 307 -24.43 -14.34 16.78
CA LEU B 307 -24.22 -15.46 17.70
C LEU B 307 -25.15 -15.40 18.90
N GLN B 308 -25.30 -14.20 19.48
CA GLN B 308 -26.14 -14.03 20.66
C GLN B 308 -27.59 -14.38 20.35
N LYS B 309 -28.09 -13.96 19.18
CA LYS B 309 -29.46 -14.29 18.82
C LYS B 309 -29.65 -15.80 18.70
N LEU B 310 -28.60 -16.52 18.33
CA LEU B 310 -28.59 -17.98 18.26
C LEU B 310 -28.47 -18.66 19.60
N GLY B 311 -28.23 -17.90 20.67
CA GLY B 311 -28.05 -18.51 21.98
C GLY B 311 -26.66 -19.00 22.25
N LEU B 312 -25.66 -18.49 21.53
CA LEU B 312 -24.29 -18.94 21.66
C LEU B 312 -23.40 -17.81 22.17
N VAL B 313 -22.25 -18.21 22.72
CA VAL B 313 -21.25 -17.28 23.22
C VAL B 313 -19.91 -17.71 22.64
N PRO B 314 -19.22 -16.88 21.85
CA PRO B 314 -17.92 -17.28 21.31
C PRO B 314 -16.88 -17.39 22.43
N GLU B 315 -15.95 -18.32 22.26
CA GLU B 315 -15.00 -18.63 23.32
C GLU B 315 -13.61 -18.13 22.96
N LYS B 316 -12.93 -17.55 23.94
CA LYS B 316 -11.60 -17.01 23.69
C LYS B 316 -10.57 -18.12 23.56
N HIS B 317 -9.71 -18.00 22.55
CA HIS B 317 -8.51 -18.81 22.44
C HIS B 317 -7.33 -17.86 22.53
N LYS B 318 -6.44 -18.12 23.48
CA LYS B 318 -5.34 -17.21 23.80
C LYS B 318 -4.35 -17.07 22.66
N GLY B 319 -4.38 -17.96 21.66
CA GLY B 319 -3.47 -17.83 20.53
C GLY B 319 -3.87 -16.79 19.51
N PHE B 320 -5.06 -16.22 19.61
CA PHE B 320 -5.53 -15.19 18.67
C PHE B 320 -5.13 -13.82 19.22
N ARG B 321 -4.14 -13.19 18.61
CA ARG B 321 -3.59 -11.93 19.11
C ARG B 321 -3.98 -10.79 18.17
N THR B 322 -5.27 -10.40 18.21
CA THR B 322 -5.70 -9.36 17.28
C THR B 322 -5.18 -7.98 17.67
N PHE B 323 -4.48 -7.84 18.80
CA PHE B 323 -3.86 -6.57 19.19
C PHE B 323 -2.34 -6.71 19.24
N ASP B 324 -1.79 -7.65 18.47
CA ASP B 324 -0.35 -7.87 18.31
C ASP B 324 0.28 -8.46 19.58
N ILE B 325 1.60 -8.62 19.56
CA ILE B 325 2.38 -9.13 20.68
C ILE B 325 3.31 -8.01 21.15
N GLU B 326 4.00 -8.26 22.27
CA GLU B 326 4.89 -7.23 22.83
C GLU B 326 6.04 -6.90 21.88
N ASN B 332 11.77 -11.93 17.29
CA ASN B 332 12.09 -13.28 17.76
C ASN B 332 11.07 -14.26 17.20
N ILE B 333 11.53 -15.12 16.28
CA ILE B 333 10.65 -16.07 15.60
C ILE B 333 10.02 -17.06 16.58
N CYS B 334 10.66 -17.32 17.71
CA CYS B 334 10.08 -18.22 18.70
C CYS B 334 8.81 -17.63 19.34
N SER B 335 8.63 -16.31 19.29
CA SER B 335 7.39 -15.71 19.78
C SER B 335 6.18 -16.15 18.99
N TYR B 336 6.35 -16.55 17.73
CA TYR B 336 5.24 -16.88 16.85
C TYR B 336 4.90 -18.37 16.84
N VAL B 337 5.71 -19.21 17.48
CA VAL B 337 5.56 -20.66 17.36
C VAL B 337 4.20 -21.13 17.88
N ASP B 338 3.77 -20.61 19.03
CA ASP B 338 2.53 -21.06 19.67
C ASP B 338 1.31 -20.22 19.28
N LEU B 339 1.44 -19.30 18.35
CA LEU B 339 0.34 -18.41 18.04
C LEU B 339 -0.55 -18.98 16.94
N MET B 340 -1.83 -18.59 16.98
CA MET B 340 -2.78 -18.87 15.91
C MET B 340 -2.85 -17.73 14.91
N LEU B 341 -2.67 -16.51 15.36
CA LEU B 341 -2.90 -15.34 14.53
C LEU B 341 -2.30 -14.12 15.22
N VAL B 342 -1.72 -13.23 14.43
CA VAL B 342 -1.18 -11.97 14.93
C VAL B 342 -1.52 -10.86 13.94
N HIS B 343 -2.10 -9.78 14.46
CA HIS B 343 -2.39 -8.56 13.70
C HIS B 343 -1.41 -7.49 14.14
N SER B 344 -0.82 -6.75 13.20
CA SER B 344 -0.93 -6.93 11.74
C SER B 344 0.49 -7.04 11.16
N ARG B 345 0.61 -7.62 9.96
CA ARG B 345 1.90 -7.83 9.31
C ARG B 345 1.83 -7.49 7.82
N LYS B 346 2.90 -6.91 7.30
CA LYS B 346 2.97 -6.50 5.90
C LYS B 346 3.32 -7.69 5.01
N PRO B 347 3.14 -7.57 3.68
CA PRO B 347 3.35 -8.73 2.81
C PRO B 347 4.71 -9.41 2.98
N GLN B 348 5.80 -8.64 3.02
CA GLN B 348 7.12 -9.25 3.21
C GLN B 348 7.24 -9.92 4.58
N GLU B 349 6.64 -9.31 5.60
CA GLU B 349 6.72 -9.89 6.94
C GLU B 349 5.97 -11.22 6.98
N MET B 350 4.85 -11.29 6.27
CA MET B 350 4.06 -12.52 6.23
C MET B 350 4.87 -13.69 5.67
N ILE B 351 5.61 -13.44 4.59
CA ILE B 351 6.42 -14.49 3.98
C ILE B 351 7.61 -14.82 4.86
N ASP B 352 8.23 -13.79 5.45
CA ASP B 352 9.39 -14.00 6.32
C ASP B 352 9.04 -14.88 7.52
N ILE B 353 7.96 -14.54 8.23
CA ILE B 353 7.56 -15.31 9.41
C ILE B 353 7.21 -16.73 9.02
N TRP B 354 6.43 -16.90 7.94
CA TRP B 354 6.04 -18.24 7.50
C TRP B 354 7.27 -19.08 7.16
N SER B 355 8.23 -18.48 6.45
CA SER B 355 9.44 -19.22 6.08
C SER B 355 10.23 -19.65 7.31
N GLN B 356 10.45 -18.73 8.25
CA GLN B 356 11.21 -19.09 9.43
C GLN B 356 10.48 -20.12 10.28
N LEU B 357 9.15 -20.10 10.27
CA LEU B 357 8.38 -21.03 11.09
C LEU B 357 8.45 -22.46 10.55
N GLN B 358 8.67 -22.63 9.25
CA GLN B 358 8.72 -23.97 8.66
C GLN B 358 9.89 -24.79 9.17
N SER B 359 10.91 -24.15 9.74
CA SER B 359 12.04 -24.90 10.32
C SER B 359 11.95 -24.92 11.84
C1 GAL C . 16.01 18.72 14.14
C2 GAL C . 16.90 18.32 12.95
C3 GAL C . 16.11 17.56 11.86
C4 GAL C . 15.23 16.46 12.48
C5 GAL C . 14.39 17.05 13.64
C6 GAL C . 13.55 15.92 14.26
O1 GAL C . 16.86 19.18 15.19
O2 GAL C . 17.46 19.51 12.39
O3 GAL C . 17.06 16.94 10.99
O4 GAL C . 16.04 15.38 12.95
O5 GAL C . 15.28 17.60 14.61
O6 GAL C . 12.40 16.48 14.91
C1 NAG C . 16.51 16.86 9.66
C2 NAG C . 17.68 16.79 8.66
C3 NAG C . 17.17 16.53 7.24
C4 NAG C . 16.23 15.32 7.19
C5 NAG C . 15.11 15.57 8.20
C6 NAG C . 14.16 14.38 8.23
C7 NAG C . 18.11 19.21 8.38
C8 NAG C . 19.20 20.25 8.35
N2 NAG C . 18.51 17.98 8.71
O3 NAG C . 18.27 16.28 6.38
O4 NAG C . 15.71 15.21 5.87
O5 NAG C . 15.66 15.73 9.51
O6 NAG C . 14.95 13.19 8.33
O7 NAG C . 16.95 19.50 8.11
C1 GAL C . 15.90 13.89 5.32
C2 GAL C . 15.27 13.85 3.91
C3 GAL C . 15.39 12.44 3.32
C4 GAL C . 16.87 11.98 3.39
C5 GAL C . 17.40 12.11 4.83
C6 GAL C . 18.89 11.73 4.89
O2 GAL C . 13.89 14.22 3.97
O3 GAL C . 14.95 12.48 1.96
O4 GAL C . 17.64 12.82 2.51
O5 GAL C . 17.25 13.47 5.27
O6 GAL C . 19.35 11.92 6.23
C1 NAG D . 21.72 -3.48 -4.92
C2 NAG D . 21.86 -4.30 -3.63
C3 NAG D . 22.83 -5.47 -3.82
C4 NAG D . 22.60 -6.25 -5.12
C5 NAG D . 22.55 -5.25 -6.26
C6 NAG D . 22.26 -5.97 -7.57
C7 NAG D . 21.63 -3.09 -1.52
C8 NAG D . 22.27 -2.12 -0.57
N2 NAG D . 22.35 -3.42 -2.59
O3 NAG D . 22.70 -6.35 -2.69
O4 NAG D . 23.71 -7.07 -5.45
O5 NAG D . 21.49 -4.34 -6.03
O6 NAG D . 21.02 -6.67 -7.40
O7 NAG D . 20.50 -3.53 -1.31
C1 NAG D . 23.49 -8.46 -5.15
C2 NAG D . 24.53 -9.31 -5.87
C3 NAG D . 24.34 -10.77 -5.47
C4 NAG D . 24.34 -10.96 -3.97
C5 NAG D . 23.33 -10.01 -3.33
C6 NAG D . 23.50 -10.11 -1.82
C7 NAG D . 25.16 -8.46 -8.07
C8 NAG D . 24.92 -8.46 -9.56
N2 NAG D . 24.37 -9.23 -7.32
O3 NAG D . 25.41 -11.51 -6.06
O4 NAG D . 23.92 -12.29 -3.69
O5 NAG D . 23.56 -8.66 -3.74
O6 NAG D . 22.45 -9.39 -1.18
O7 NAG D . 26.05 -7.79 -7.59
C1 BMA D . 24.93 -13.04 -2.98
C2 BMA D . 24.25 -14.21 -2.28
C3 BMA D . 25.28 -14.96 -1.47
C4 BMA D . 26.39 -15.43 -2.38
C5 BMA D . 26.97 -14.22 -3.12
C6 BMA D . 28.08 -14.64 -4.07
O2 BMA D . 23.66 -15.08 -3.26
O3 BMA D . 24.66 -16.12 -0.87
O4 BMA D . 27.42 -16.03 -1.59
O5 BMA D . 25.96 -13.53 -3.84
O6 BMA D . 28.62 -13.46 -4.69
C1 MAN D . 23.98 -15.67 0.30
C2 MAN D . 24.94 -15.71 1.50
C3 MAN D . 25.39 -17.17 1.69
C4 MAN D . 24.14 -18.05 1.84
C5 MAN D . 23.20 -17.82 0.65
C6 MAN D . 21.91 -18.64 0.84
O2 MAN D . 24.27 -15.25 2.68
O3 MAN D . 26.21 -17.28 2.86
O4 MAN D . 24.52 -19.43 1.91
O5 MAN D . 22.82 -16.44 0.57
O6 MAN D . 21.14 -18.05 1.88
C1 GAL E . -9.46 0.22 27.91
C2 GAL E . -10.72 -0.17 27.13
C3 GAL E . -10.38 -0.39 25.64
C4 GAL E . -9.63 0.85 25.07
C5 GAL E . -8.46 1.22 26.01
C6 GAL E . -7.79 2.51 25.52
O1 GAL E . -9.77 0.43 29.29
O2 GAL E . -11.25 -1.39 27.66
O3 GAL E . -11.61 -0.56 24.92
O4 GAL E . -10.53 1.95 24.95
O5 GAL E . -8.95 1.42 27.34
O6 GAL E . -6.39 2.27 25.41
C1 NAG E . -11.48 -1.61 23.95
C2 NAG E . -12.89 -2.09 23.61
C3 NAG E . -12.83 -3.14 22.50
C4 NAG E . -12.12 -2.58 21.29
C5 NAG E . -10.72 -2.11 21.73
C6 NAG E . -9.95 -1.44 20.60
C7 NAG E . -13.15 -3.57 25.60
C8 NAG E . -13.97 -3.83 26.82
N2 NAG E . -13.59 -2.61 24.78
O3 NAG E . -14.17 -3.58 22.19
O4 NAG E . -12.00 -3.65 20.32
O5 NAG E . -10.83 -1.14 22.78
O6 NAG E . -10.75 -0.39 20.03
O7 NAG E . -12.12 -4.23 25.38
C1 GAL E . -12.40 -3.19 19.02
C2 GAL E . -12.11 -4.31 17.99
C3 GAL E . -12.59 -3.86 16.59
C4 GAL E . -14.03 -3.33 16.66
C5 GAL E . -14.12 -2.21 17.73
C6 GAL E . -15.58 -1.70 17.83
O2 GAL E . -10.69 -4.53 17.90
O3 GAL E . -12.50 -4.99 15.71
O4 GAL E . -14.91 -4.38 17.06
O5 GAL E . -13.76 -2.80 18.97
O6 GAL E . -15.66 -0.54 18.68
C1 NAG F . -22.53 0.31 1.08
C2 NAG F . -22.48 1.84 1.18
C3 NAG F . -23.64 2.50 0.42
C4 NAG F . -23.88 1.89 -0.97
C5 NAG F . -23.97 0.38 -0.81
C6 NAG F . -24.16 -0.26 -2.17
C7 NAG F . -21.57 2.75 3.25
C8 NAG F . -21.78 2.99 4.72
N2 NAG F . -22.60 2.23 2.57
O3 NAG F . -23.34 3.90 0.27
O4 NAG F . -25.15 2.28 -1.49
O5 NAG F . -22.75 -0.07 -0.27
O6 NAG F . -23.06 0.05 -3.03
O7 NAG F . -20.51 2.98 2.69
C1 NAG F . -25.02 3.27 -2.51
C2 NAG F . -26.35 3.32 -3.27
C3 NAG F . -26.41 4.48 -4.26
C4 NAG F . -26.03 5.78 -3.59
C5 NAG F . -24.69 5.61 -2.86
C6 NAG F . -24.39 6.92 -2.14
C7 NAG F . -27.37 1.14 -3.66
C8 NAG F . -28.23 1.37 -2.44
N2 NAG F . -26.56 2.11 -4.05
O3 NAG F . -27.75 4.55 -4.73
O4 NAG F . -25.86 6.78 -4.60
O5 NAG F . -24.75 4.54 -1.92
O6 NAG F . -23.13 6.81 -1.49
O7 NAG F . -27.42 0.08 -4.25
C1 BMA F . -26.94 7.74 -4.52
C2 BMA F . -26.35 9.07 -4.95
C3 BMA F . -27.44 10.13 -5.08
C4 BMA F . -28.53 9.61 -6.02
C5 BMA F . -29.09 8.32 -5.44
C6 BMA F . -30.22 7.77 -6.30
O2 BMA F . -25.65 8.91 -6.19
O3 BMA F . -26.90 11.33 -5.61
O4 BMA F . -29.58 10.58 -6.13
O5 BMA F . -28.04 7.34 -5.35
O6 BMA F . -31.24 8.75 -6.45
C1 MAN F . -25.87 11.81 -4.71
C2 MAN F . -26.38 13.03 -3.93
C3 MAN F . -26.52 14.24 -4.88
C4 MAN F . -25.22 14.40 -5.70
C5 MAN F . -24.92 13.07 -6.40
C6 MAN F . -23.70 13.20 -7.33
O2 MAN F . -25.44 13.36 -2.89
O3 MAN F . -26.77 15.42 -4.13
O4 MAN F . -25.40 15.43 -6.70
O5 MAN F . -24.65 12.08 -5.39
O6 MAN F . -23.48 11.96 -8.00
MG MG G . 7.65 8.90 1.40
N1 UDP H . 11.17 3.24 -3.26
C2 UDP H . 11.74 2.47 -4.21
N3 UDP H . 12.46 1.35 -3.86
C4 UDP H . 12.61 1.04 -2.55
C5 UDP H . 12.03 1.86 -1.55
C6 UDP H . 11.33 2.96 -1.93
O2 UDP H . 11.62 2.79 -5.38
O4 UDP H . 13.24 0.03 -2.24
C1' UDP H . 10.46 4.45 -3.67
C2' UDP H . 9.04 4.54 -3.06
O2' UDP H . 8.10 3.92 -3.93
C3' UDP H . 8.83 6.07 -3.04
C4' UDP H . 10.25 6.60 -2.73
O4' UDP H . 11.16 5.56 -3.07
O3' UDP H . 8.51 6.50 -4.38
C5' UDP H . 10.40 7.00 -1.28
O5' UDP H . 10.01 5.92 -0.41
PA UDP H . 9.59 6.18 1.08
O1A UDP H . 8.29 6.88 1.11
O2A UDP H . 9.49 4.84 1.88
O3A UDP H . 10.69 7.10 1.77
PB UDP H . 10.56 8.36 2.70
O1B UDP H . 12.00 9.02 2.85
O2B UDP H . 9.58 9.40 2.05
O3B UDP H . 10.04 7.94 4.03
C1 NAG I . 29.44 -5.54 -15.52
C2 NAG I . 28.62 -6.81 -15.33
C3 NAG I . 29.52 -7.93 -14.84
C4 NAG I . 30.64 -8.17 -15.85
C5 NAG I . 31.41 -6.87 -16.03
C6 NAG I . 32.41 -7.07 -17.16
C7 NAG I . 26.32 -6.87 -14.62
C8 NAG I . 25.34 -6.77 -13.48
N2 NAG I . 27.59 -6.60 -14.34
O3 NAG I . 28.76 -9.13 -14.67
O4 NAG I . 31.50 -9.19 -15.34
O5 NAG I . 30.56 -5.79 -16.39
O6 NAG I . 32.38 -5.91 -18.01
O7 NAG I . 25.97 -7.18 -15.75
C1 NAG J . 5.70 20.44 -31.93
C2 NAG J . 6.37 21.25 -33.04
C3 NAG J . 7.45 20.44 -33.74
C4 NAG J . 8.45 19.86 -32.74
C5 NAG J . 7.68 19.06 -31.69
C6 NAG J . 8.66 18.58 -30.62
C7 NAG J . 5.02 22.94 -34.12
C8 NAG J . 3.67 23.25 -34.69
N2 NAG J . 5.38 21.66 -34.01
O3 NAG J . 8.16 21.31 -34.63
O4 NAG J . 9.36 18.99 -33.42
O5 NAG J . 6.68 19.86 -31.07
O6 NAG J . 7.97 17.74 -29.67
O7 NAG J . 5.79 23.84 -33.78
C1 EDO K . -0.84 1.27 -3.52
O1 EDO K . -0.06 0.68 -4.55
C2 EDO K . -0.29 0.87 -2.17
O2 EDO K . 1.09 1.10 -2.21
MG MG L . -6.16 -3.93 10.72
N1 UDP M . -11.17 -3.79 4.47
C2 UDP M . -12.03 -4.04 3.45
N3 UDP M . -12.79 -3.03 2.93
C4 UDP M . -12.70 -1.76 3.44
C5 UDP M . -11.80 -1.51 4.51
C6 UDP M . -11.06 -2.53 5.00
O2 UDP M . -12.12 -5.16 3.00
O4 UDP M . -13.39 -0.86 2.98
C1' UDP M . -10.39 -4.87 5.01
C2' UDP M . -8.88 -4.54 5.05
O2' UDP M . -8.26 -4.94 3.83
C3' UDP M . -8.42 -5.40 6.25
C4' UDP M . -9.66 -5.39 7.17
O4' UDP M . -10.77 -4.98 6.39
O3' UDP M . -8.19 -6.76 5.81
C5' UDP M . -9.49 -4.45 8.36
O5' UDP M . -9.12 -3.14 7.93
PA UDP M . -8.27 -2.18 8.88
O1A UDP M . -8.23 -0.74 8.31
O2A UDP M . -6.89 -2.71 9.02
O3A UDP M . -9.02 -2.20 10.26
PB UDP M . -8.55 -2.40 11.74
O1B UDP M . -7.70 -1.23 12.08
O2B UDP M . -7.70 -3.75 11.89
O3B UDP M . -9.80 -2.51 12.70
C1 NAG N . -33.07 -5.65 -4.43
C2 NAG N . -32.38 -4.94 -5.58
C3 NAG N . -33.25 -3.79 -6.07
C4 NAG N . -34.63 -4.29 -6.47
C5 NAG N . -35.26 -5.02 -5.29
C6 NAG N . -36.54 -5.69 -5.79
C7 NAG N . -30.00 -4.56 -5.81
C8 NAG N . -28.78 -3.81 -5.36
N2 NAG N . -31.11 -4.40 -5.11
O3 NAG N . -32.65 -3.20 -7.21
O4 NAG N . -35.46 -3.19 -6.84
O5 NAG N . -34.40 -6.03 -4.77
O6 NAG N . -36.95 -6.69 -4.86
O7 NAG N . -29.98 -5.29 -6.80
C1 EDO O . -0.58 -3.53 0.38
O1 EDO O . -1.86 -3.10 0.80
C2 EDO O . -0.63 -3.65 -1.08
O2 EDO O . -1.16 -4.95 -1.25
C1 EDO P . -3.74 -2.39 10.01
O1 EDO P . -4.49 -3.57 9.72
C2 EDO P . -4.64 -1.43 10.77
O2 EDO P . -5.26 -2.12 11.86
C1 GOL Q . -11.03 -5.95 10.98
O1 GOL Q . -10.59 -7.07 11.69
C2 GOL Q . -12.40 -5.47 11.56
O2 GOL Q . -13.25 -6.49 12.04
C3 GOL Q . -12.03 -4.44 12.61
O3 GOL Q . -12.81 -3.31 12.31
C1 EDO R . -8.11 -6.83 14.35
O1 EDO R . -9.40 -7.36 14.67
C2 EDO R . -7.85 -5.53 15.09
O2 EDO R . -8.07 -4.42 14.23
C1 EDO S . -9.69 -23.88 -6.21
O1 EDO S . -9.93 -24.91 -5.26
C2 EDO S . -10.86 -23.83 -7.19
O2 EDO S . -10.96 -22.55 -7.82
#